data_8X8N
#
_entry.id   8X8N
#
_cell.length_a   1.00
_cell.length_b   1.00
_cell.length_c   1.00
_cell.angle_alpha   90.00
_cell.angle_beta   90.00
_cell.angle_gamma   90.00
#
_symmetry.space_group_name_H-M   'P 1'
#
loop_
_entity.id
_entity.type
_entity.pdbx_description
1 polymer 'Guanine nucleotide-binding protein G(i) subunit alpha'
2 polymer 'Guanine nucleotide-binding protein G(I)/G(S)/G(T) subunit beta-1'
3 polymer ScFv16
4 polymer 'Guanine nucleotide-binding protein G(I)/G(S)/G(O) subunit gamma-2'
5 polymer 'Somatostatin receptor type 5'
6 polymer octreotide
#
loop_
_entity_poly.entity_id
_entity_poly.type
_entity_poly.pdbx_seq_one_letter_code
_entity_poly.pdbx_strand_id
1 'polypeptide(L)'
;GCTLSAEDKAAVERSKMIEKQLQKDKQVYRATHRLLLLGADNSGKSTIVKQMRIYHVNGYSEEECKQYKAVVYSNTIQSI
IAIIRAMGRLKIDFGDSARADDARQLFVLAGAAEEGFMTAELAGVIKRLWKDSGVQACFNRSREYQLNDSAAYYLNDLDR
IAQPNYIPTQQDVLRTRVKTSGIFETKFQVDKVNFHMFDVGAQRDERRKWIQCFNDVTAIIFVVDSSDYNRLQEALNDFK
SIWNNRWLRTISVILFLNKQDLLAEKVLAGKSKIEDYFPEFARYTTPEDATPEPGEDPRVTRAKYFIRDEFLRISTASGD
GRHYCYPHFTCSVDTENARRIFNDVTDIIIKMNLRDCGLF
;
A
2 'polypeptide(L)'
;MGSLLQSELDQLRQEAEQLKNQIRDARKACADATLSQITNNIDPVGRIQMRTRRTLRGHLAKIYAMHWGTDSRLLVSASQ
DGKLIIWDSYTTNKVHAIPLRSSWVMTCAYAPSGNYVACGGLDNICSIYNLKTREGNVRVSRELAGHTGYLSCCRFLDDN
QIVTSSGDTTCALWDIETGQQTTTFTGHTGDVMSLSLAPDTRLFVSGACDASAKLWDVREGMCRQTFTGHESDINAICFF
PNGNAFATGSDDATCRLFDLRADQELMTYSHDNIICGITSVSFSKSGRLLLAGYDDFNCNVWDALKADRAGVLAGHDNRV
SCLGVTDDGMAVATGSWDSFLKIWNGSSGGGGSGGGGSSGVSGWRLFKKIS
;
B
3 'polypeptide(L)'
;DVQLVESGGGLVQPGGSRKLSCSASGFAFSSFGMHWVRQAPEKGLEWVAYISSGSGTIYYADTVKGRFTISRDDPKNTLF
LQMTSLRSEDTAMYYCVRSIYYYGSSPFDFWGQGTTLTVSSGGGGSGGGGSGGGGSDIVMTQATSSVPVTPGESVSISCR
SSKSLLHSNGNTYLYWFLQRPGQSPQLLIYRMSNLASGVPDRFSGSGSGTAFTLTISRLEAEDVGVYYCMQHLEYPLTFG
AGTKLELK
;
E
4 'polypeptide(L)' ASNNTASIAQARKLVEQLKMEANIDRIKVSKAAADLMAYCEAHAKEDPLLTPVPASENPFREKKFFCAIL G
5 'polypeptide(L)'
;MEPLFPASTPSWNASSPGAASGGGDNRTLVGPAPSAGARAVLVPVLYLLVCAAGLGGNTLVIYVVLRFAKMKTVTNIYIL
NLAVADVLYMLGLPFLATQNAASFWPFGPVLCRLVMTLDGVNQFTSVFCLTVMSVDRYLAVVHPLSSARWRRPRVAKLAS
AAAWVLSLCMSLPLLVFADVQEGGTCNASWPEPVGLWGAVFIIYTAVLGFFAPLLVICLCYLLIVVKVRAAGVRVGCVRR
RSERKVTRMVLVLVLVFAGCWLPFFTVNIVNLAVALPQEPASAGLYFFVVILSYANSCANPVLYGFLSDNFRQSFQKVLC
LRKGSGAKDADATEPRPDRIRQQQEATPPAHRAAANGLMQTSKL
;
R
6 'polypeptide(L)' (DPN)CF(DTR)KTCT C
#
# COMPACT_ATOMS: atom_id res chain seq x y z
N CYS A 2 -15.24 24.72 14.62
CA CYS A 2 -14.05 24.15 15.32
C CYS A 2 -12.98 25.21 15.54
N THR A 3 -11.77 24.77 15.86
CA THR A 3 -10.64 25.67 16.08
C THR A 3 -9.82 25.91 14.82
N LEU A 4 -10.21 25.34 13.69
CA LEU A 4 -9.46 25.53 12.46
C LEU A 4 -9.50 26.98 12.02
N SER A 5 -8.42 27.44 11.39
CA SER A 5 -8.39 28.76 10.81
C SER A 5 -8.96 28.73 9.40
N ALA A 6 -9.02 29.89 8.76
CA ALA A 6 -9.58 29.97 7.41
C ALA A 6 -8.71 29.24 6.40
N GLU A 7 -7.39 29.30 6.56
CA GLU A 7 -6.48 28.81 5.53
C GLU A 7 -6.43 27.28 5.47
N ASP A 8 -6.60 26.60 6.60
CA ASP A 8 -6.44 25.14 6.63
C ASP A 8 -7.47 24.45 5.75
N LYS A 9 -8.70 24.96 5.74
CA LYS A 9 -9.76 24.33 4.95
C LYS A 9 -9.38 24.26 3.47
N ALA A 10 -8.58 25.22 2.99
CA ALA A 10 -8.11 25.16 1.62
C ALA A 10 -7.24 23.93 1.39
N ALA A 11 -6.33 23.64 2.32
CA ALA A 11 -5.50 22.45 2.21
C ALA A 11 -6.35 21.19 2.29
N VAL A 12 -7.36 21.19 3.17
CA VAL A 12 -8.24 20.04 3.29
C VAL A 12 -8.95 19.78 1.97
N GLU A 13 -9.47 20.83 1.35
CA GLU A 13 -10.14 20.69 0.06
C GLU A 13 -9.18 20.22 -1.02
N ARG A 14 -7.93 20.73 -1.00
CA ARG A 14 -6.94 20.30 -1.97
C ARG A 14 -6.69 18.80 -1.86
N SER A 15 -6.51 18.30 -0.63
CA SER A 15 -6.30 16.86 -0.44
C SER A 15 -7.54 16.07 -0.88
N LYS A 16 -8.73 16.56 -0.56
CA LYS A 16 -9.96 15.88 -0.96
C LYS A 16 -10.04 15.77 -2.47
N MET A 17 -9.72 16.85 -3.19
CA MET A 17 -9.72 16.82 -4.65
C MET A 17 -8.65 15.87 -5.19
N ILE A 18 -7.47 15.86 -4.57
CA ILE A 18 -6.39 15.00 -5.06
C ILE A 18 -6.79 13.53 -4.94
N GLU A 19 -7.51 13.19 -3.87
CA GLU A 19 -7.73 11.78 -3.57
C GLU A 19 -8.51 11.04 -4.66
N LYS A 20 -9.23 11.76 -5.51
CA LYS A 20 -10.20 11.10 -6.40
C LYS A 20 -9.52 10.25 -7.46
N GLN A 21 -8.46 10.78 -8.10
CA GLN A 21 -7.94 10.19 -9.32
C GLN A 21 -7.47 8.74 -9.10
N LEU A 22 -7.14 8.40 -7.86
CA LEU A 22 -6.54 7.09 -7.58
C LEU A 22 -7.52 5.96 -7.86
N GLN A 23 -8.81 6.19 -7.61
CA GLN A 23 -9.81 5.16 -7.85
C GLN A 23 -9.90 4.83 -9.34
N LYS A 24 -9.94 5.86 -10.19
CA LYS A 24 -9.95 5.64 -11.63
C LYS A 24 -8.67 4.96 -12.07
N ASP A 25 -7.53 5.37 -11.50
CA ASP A 25 -6.27 4.72 -11.83
C ASP A 25 -6.31 3.24 -11.51
N LYS A 26 -6.83 2.88 -10.33
CA LYS A 26 -6.93 1.48 -9.94
C LYS A 26 -7.88 0.73 -10.87
N GLN A 27 -9.02 1.34 -11.21
CA GLN A 27 -9.97 0.69 -12.10
C GLN A 27 -9.33 0.37 -13.44
N VAL A 28 -8.55 1.31 -13.98
CA VAL A 28 -7.82 1.03 -15.22
C VAL A 28 -6.76 -0.04 -15.00
N TYR A 29 -6.11 -0.03 -13.83
CA TYR A 29 -5.02 -0.96 -13.57
C TYR A 29 -5.51 -2.40 -13.56
N ARG A 30 -6.66 -2.67 -12.94
CA ARG A 30 -7.08 -4.05 -12.71
C ARG A 30 -7.52 -4.78 -13.98
N ALA A 31 -7.36 -4.18 -15.16
CA ALA A 31 -7.80 -4.80 -16.40
C ALA A 31 -6.66 -5.10 -17.37
N THR A 32 -5.55 -5.65 -16.88
CA THR A 32 -4.41 -5.98 -17.73
C THR A 32 -3.69 -7.20 -17.19
N HIS A 33 -3.02 -7.92 -18.08
CA HIS A 33 -2.25 -9.11 -17.73
C HIS A 33 -0.78 -8.91 -18.11
N ARG A 34 0.11 -9.59 -17.39
CA ARG A 34 1.55 -9.49 -17.60
C ARG A 34 2.12 -10.89 -17.75
N LEU A 35 3.13 -11.04 -18.61
CA LEU A 35 3.79 -12.30 -18.86
C LEU A 35 5.31 -12.11 -18.85
N LEU A 36 6.03 -13.21 -18.59
CA LEU A 36 7.48 -13.22 -18.61
C LEU A 36 7.96 -14.27 -19.61
N LEU A 37 9.08 -13.99 -20.27
CA LEU A 37 9.60 -14.84 -21.33
C LEU A 37 11.05 -15.21 -21.02
N LEU A 38 11.43 -16.44 -21.39
CA LEU A 38 12.78 -16.94 -21.18
C LEU A 38 13.16 -17.89 -22.31
N GLY A 39 14.45 -18.13 -22.44
CA GLY A 39 14.94 -19.04 -23.46
C GLY A 39 16.46 -18.97 -23.56
N ALA A 40 16.98 -19.61 -24.61
CA ALA A 40 18.42 -19.65 -24.86
C ALA A 40 18.69 -19.11 -26.26
N ASP A 41 19.98 -19.02 -26.60
CA ASP A 41 20.38 -18.48 -27.89
C ASP A 41 19.89 -19.37 -29.03
N ASN A 42 19.98 -20.69 -28.85
CA ASN A 42 19.64 -21.60 -29.95
C ASN A 42 18.18 -21.47 -30.36
N SER A 43 17.31 -21.07 -29.42
CA SER A 43 15.89 -20.99 -29.71
C SER A 43 15.59 -19.81 -30.63
N GLY A 44 14.44 -19.86 -31.28
CA GLY A 44 14.01 -18.81 -32.19
C GLY A 44 13.16 -17.76 -31.50
N LYS A 45 13.50 -17.44 -30.26
CA LYS A 45 12.74 -16.47 -29.48
C LYS A 45 12.54 -15.16 -30.24
N SER A 46 13.63 -14.62 -30.80
CA SER A 46 13.53 -13.36 -31.52
C SER A 46 12.62 -13.48 -32.73
N THR A 47 12.72 -14.60 -33.46
CA THR A 47 11.86 -14.79 -34.63
C THR A 47 10.40 -14.85 -34.21
N ILE A 48 10.10 -15.59 -33.14
CA ILE A 48 8.72 -15.67 -32.65
C ILE A 48 8.20 -14.29 -32.29
N VAL A 49 9.01 -13.51 -31.57
CA VAL A 49 8.57 -12.19 -31.15
C VAL A 49 8.28 -11.33 -32.37
N LYS A 50 9.21 -11.30 -33.33
CA LYS A 50 9.04 -10.44 -34.49
C LYS A 50 7.81 -10.84 -35.30
N GLN A 51 7.61 -12.15 -35.49
CA GLN A 51 6.44 -12.60 -36.24
C GLN A 51 5.15 -12.26 -35.51
N MET A 52 5.15 -12.37 -34.17
CA MET A 52 3.94 -12.06 -33.41
C MET A 52 3.67 -10.56 -33.36
N ARG A 53 4.68 -9.72 -33.60
CA ARG A 53 4.43 -8.28 -33.58
C ARG A 53 3.34 -7.88 -34.57
N ILE A 54 3.35 -8.44 -35.78
CA ILE A 54 2.39 -8.06 -36.80
C ILE A 54 0.97 -8.33 -36.29
N LYS A 179 21.58 2.48 -25.56
CA LYS A 179 22.19 1.23 -26.00
C LYS A 179 22.00 0.14 -24.95
N THR A 180 22.32 0.47 -23.70
CA THR A 180 22.22 -0.48 -22.59
C THR A 180 20.86 -0.31 -21.91
N SER A 181 19.80 -0.59 -22.67
CA SER A 181 18.46 -0.41 -22.14
C SER A 181 18.20 -1.33 -20.96
N GLY A 182 18.47 -2.63 -21.13
CA GLY A 182 18.28 -3.60 -20.08
C GLY A 182 16.92 -4.27 -20.05
N ILE A 183 15.92 -3.69 -20.72
CA ILE A 183 14.57 -4.25 -20.71
C ILE A 183 13.86 -3.82 -22.00
N PHE A 184 12.99 -4.71 -22.49
CA PHE A 184 12.22 -4.46 -23.70
C PHE A 184 10.77 -4.85 -23.47
N GLU A 185 9.87 -4.22 -24.22
CA GLU A 185 8.43 -4.39 -24.02
C GLU A 185 7.75 -4.58 -25.37
N THR A 186 6.60 -5.28 -25.34
CA THR A 186 5.77 -5.46 -26.52
C THR A 186 4.31 -5.54 -26.09
N LYS A 187 3.41 -5.22 -27.02
CA LYS A 187 1.98 -5.21 -26.75
C LYS A 187 1.23 -5.82 -27.92
N PHE A 188 0.07 -6.39 -27.62
CA PHE A 188 -0.85 -6.89 -28.65
C PHE A 188 -2.23 -6.99 -28.03
N GLN A 189 -3.24 -7.09 -28.90
CA GLN A 189 -4.64 -7.15 -28.48
C GLN A 189 -5.31 -8.31 -29.18
N VAL A 190 -6.10 -9.08 -28.44
CA VAL A 190 -6.94 -10.15 -28.99
C VAL A 190 -8.32 -10.03 -28.37
N ASP A 191 -9.35 -10.00 -29.22
CA ASP A 191 -10.74 -9.94 -28.77
C ASP A 191 -10.95 -8.79 -27.79
N LYS A 192 -10.43 -7.61 -28.14
CA LYS A 192 -10.57 -6.41 -27.32
C LYS A 192 -9.99 -6.60 -25.93
N VAL A 193 -8.94 -7.41 -25.81
CA VAL A 193 -8.26 -7.67 -24.55
C VAL A 193 -6.79 -7.36 -24.72
N ASN A 194 -6.23 -6.64 -23.75
CA ASN A 194 -4.87 -6.13 -23.84
C ASN A 194 -3.93 -7.03 -23.05
N PHE A 195 -2.80 -7.35 -23.66
CA PHE A 195 -1.77 -8.19 -23.04
C PHE A 195 -0.43 -7.48 -23.12
N HIS A 196 0.40 -7.70 -22.10
CA HIS A 196 1.73 -7.09 -22.02
C HIS A 196 2.77 -8.19 -21.89
N MET A 197 3.92 -7.99 -22.52
CA MET A 197 5.02 -8.94 -22.48
C MET A 197 6.32 -8.19 -22.25
N PHE A 198 7.26 -8.83 -21.57
CA PHE A 198 8.52 -8.21 -21.17
C PHE A 198 9.68 -9.15 -21.47
N ASP A 199 10.86 -8.57 -21.66
CA ASP A 199 12.10 -9.31 -21.83
C ASP A 199 13.23 -8.53 -21.18
N VAL A 200 14.29 -9.25 -20.83
CA VAL A 200 15.45 -8.67 -20.15
C VAL A 200 16.59 -8.55 -21.15
N GLY A 201 17.47 -7.57 -20.91
CA GLY A 201 18.58 -7.31 -21.82
C GLY A 201 19.93 -7.65 -21.23
N ALA A 202 20.79 -6.64 -21.07
CA ALA A 202 22.15 -6.87 -20.62
C ALA A 202 22.18 -7.10 -19.12
N GLN A 203 22.53 -8.33 -18.72
CA GLN A 203 22.70 -8.67 -17.31
C GLN A 203 23.76 -9.75 -17.21
N ARG A 204 24.32 -9.88 -16.00
CA ARG A 204 25.35 -10.89 -15.79
C ARG A 204 24.73 -12.27 -15.68
N ASP A 205 25.59 -13.29 -15.60
CA ASP A 205 25.13 -14.67 -15.67
C ASP A 205 24.19 -15.02 -14.51
N GLU A 206 24.56 -14.61 -13.30
CA GLU A 206 23.83 -15.07 -12.12
C GLU A 206 22.40 -14.52 -12.12
N ARG A 207 21.47 -15.36 -11.65
CA ARG A 207 20.05 -15.01 -11.59
C ARG A 207 19.52 -15.03 -10.15
N ARG A 208 20.40 -15.18 -9.16
CA ARG A 208 19.93 -15.47 -7.80
C ARG A 208 19.17 -14.30 -7.20
N LYS A 209 19.63 -13.06 -7.43
CA LYS A 209 19.15 -11.94 -6.64
C LYS A 209 17.89 -11.29 -7.21
N TRP A 210 17.88 -10.93 -8.49
CA TRP A 210 16.79 -10.13 -9.02
C TRP A 210 15.56 -10.95 -9.38
N ILE A 211 15.61 -12.27 -9.19
CA ILE A 211 14.47 -13.13 -9.50
C ILE A 211 13.29 -12.83 -8.60
N GLN A 212 13.55 -12.28 -7.40
CA GLN A 212 12.50 -12.15 -6.39
C GLN A 212 11.37 -11.22 -6.85
N CYS A 213 11.67 -10.28 -7.75
CA CYS A 213 10.71 -9.23 -8.07
C CYS A 213 9.46 -9.74 -8.78
N PHE A 214 9.47 -10.97 -9.29
CA PHE A 214 8.36 -11.50 -10.08
C PHE A 214 7.46 -12.44 -9.27
N ASN A 215 7.23 -12.13 -8.00
CA ASN A 215 6.46 -13.05 -7.15
C ASN A 215 5.00 -13.12 -7.57
N ASP A 216 4.46 -12.08 -8.22
CA ASP A 216 3.04 -12.00 -8.49
C ASP A 216 2.76 -11.80 -9.98
N VAL A 217 3.39 -12.60 -10.83
CA VAL A 217 3.11 -12.55 -12.26
C VAL A 217 2.21 -13.72 -12.63
N THR A 218 1.58 -13.62 -13.79
CA THR A 218 0.57 -14.61 -14.17
C THR A 218 1.20 -15.93 -14.57
N ALA A 219 2.03 -15.92 -15.62
CA ALA A 219 2.57 -17.16 -16.17
C ALA A 219 3.91 -16.89 -16.82
N ILE A 220 4.64 -17.98 -17.09
CA ILE A 220 5.96 -17.93 -17.70
C ILE A 220 5.96 -18.85 -18.91
N ILE A 221 6.83 -18.54 -19.88
CA ILE A 221 6.95 -19.29 -21.12
C ILE A 221 8.38 -19.76 -21.26
N PHE A 222 8.66 -21.02 -21.70
CA PHE A 222 10.02 -21.60 -21.87
C PHE A 222 10.17 -22.24 -23.25
N VAL A 223 11.19 -21.88 -24.05
CA VAL A 223 11.47 -22.44 -25.42
C VAL A 223 12.70 -23.39 -25.51
N VAL A 224 12.68 -24.46 -26.36
CA VAL A 224 13.76 -25.49 -26.48
C VAL A 224 14.01 -26.04 -27.90
N ASP A 225 15.26 -26.34 -28.28
CA ASP A 225 15.64 -26.94 -29.61
C ASP A 225 15.78 -28.44 -29.56
N SER A 226 14.82 -29.14 -30.10
CA SER A 226 14.80 -30.56 -30.09
C SER A 226 15.70 -31.20 -31.13
N SER A 227 16.21 -30.45 -32.10
CA SER A 227 16.98 -31.10 -33.17
C SER A 227 18.32 -31.60 -32.64
N ASP A 228 19.10 -30.74 -31.99
CA ASP A 228 20.44 -31.11 -31.54
C ASP A 228 20.33 -32.12 -30.41
N TYR A 229 21.17 -33.15 -30.45
CA TYR A 229 21.15 -34.21 -29.46
C TYR A 229 22.20 -34.05 -28.37
N ASN A 230 23.36 -33.47 -28.69
CA ASN A 230 24.48 -33.47 -27.76
C ASN A 230 24.26 -32.51 -26.59
N ARG A 231 23.49 -31.44 -26.80
CA ARG A 231 23.28 -30.42 -25.77
C ARG A 231 21.89 -30.50 -25.16
N LEU A 232 21.39 -31.72 -24.89
CA LEU A 232 20.04 -31.87 -24.35
C LEU A 232 20.03 -31.87 -22.83
N GLN A 233 21.12 -32.29 -22.19
CA GLN A 233 21.12 -32.44 -20.73
C GLN A 233 21.06 -31.09 -20.02
N GLU A 234 21.67 -30.06 -20.60
CA GLU A 234 21.66 -28.75 -19.96
C GLU A 234 20.25 -28.20 -19.84
N ALA A 235 19.41 -28.43 -20.85
CA ALA A 235 18.03 -27.97 -20.79
C ALA A 235 17.28 -28.65 -19.64
N LEU A 236 17.48 -29.96 -19.48
CA LEU A 236 16.85 -30.67 -18.37
C LEU A 236 17.35 -30.15 -17.03
N ASN A 237 18.65 -29.90 -16.92
CA ASN A 237 19.20 -29.36 -15.69
C ASN A 237 18.59 -28.00 -15.36
N ASP A 238 18.48 -27.13 -16.37
CA ASP A 238 17.90 -25.82 -16.16
C ASP A 238 16.44 -25.92 -15.75
N PHE A 239 15.70 -26.83 -16.37
CA PHE A 239 14.30 -27.02 -16.00
C PHE A 239 14.16 -27.46 -14.55
N LYS A 240 14.98 -28.44 -14.14
CA LYS A 240 14.94 -28.87 -12.74
C LYS A 240 15.32 -27.72 -11.82
N SER A 241 16.30 -26.91 -12.21
CA SER A 241 16.70 -25.77 -11.39
C SER A 241 15.56 -24.79 -11.20
N ILE A 242 14.88 -24.42 -12.29
CA ILE A 242 13.82 -23.43 -12.20
C ILE A 242 12.62 -23.97 -11.43
N TRP A 243 12.32 -25.26 -11.61
CA TRP A 243 11.04 -25.79 -11.11
C TRP A 243 10.92 -25.66 -9.60
N ASN A 244 11.90 -26.08 -8.79
CA ASN A 244 11.84 -26.09 -7.31
C ASN A 244 12.41 -24.88 -6.45
N ASN A 245 12.27 -23.62 -6.88
CA ASN A 245 12.76 -22.42 -6.15
C ASN A 245 11.81 -21.95 -5.09
N ARG A 246 12.31 -21.48 -3.98
CA ARG A 246 11.48 -21.08 -2.86
C ARG A 246 10.52 -19.96 -3.13
N TRP A 247 10.72 -19.16 -4.18
CA TRP A 247 9.87 -18.00 -4.35
C TRP A 247 8.82 -18.17 -5.44
N LEU A 248 8.69 -19.37 -6.01
CA LEU A 248 7.78 -19.61 -7.12
C LEU A 248 6.90 -20.85 -6.91
N ARG A 249 6.42 -21.07 -5.69
CA ARG A 249 5.66 -22.29 -5.44
C ARG A 249 4.27 -22.25 -6.06
N THR A 250 3.75 -21.05 -6.35
CA THR A 250 2.36 -20.90 -6.79
C THR A 250 2.25 -20.31 -8.20
N ILE A 251 3.17 -20.63 -9.10
CA ILE A 251 3.17 -20.10 -10.46
C ILE A 251 3.29 -21.28 -11.43
N SER A 252 2.48 -21.25 -12.49
CA SER A 252 2.46 -22.30 -13.50
C SER A 252 3.41 -21.95 -14.65
N VAL A 253 3.60 -22.92 -15.54
CA VAL A 253 4.54 -22.80 -16.65
C VAL A 253 3.88 -23.37 -17.90
N ILE A 254 4.21 -22.79 -19.05
CA ILE A 254 3.75 -23.26 -20.35
C ILE A 254 4.98 -23.52 -21.21
N LEU A 255 4.98 -24.64 -21.93
CA LEU A 255 6.16 -25.14 -22.62
C LEU A 255 5.86 -25.29 -24.11
N PHE A 256 6.81 -24.86 -24.95
CA PHE A 256 6.70 -24.99 -26.40
C PHE A 256 7.90 -25.77 -26.93
N LEU A 257 7.66 -26.57 -27.97
CA LEU A 257 8.71 -27.27 -28.70
C LEU A 257 8.74 -26.77 -30.14
N ASN A 258 9.92 -26.75 -30.75
CA ASN A 258 10.11 -26.05 -32.02
C ASN A 258 10.97 -26.88 -32.97
N LYS A 259 10.98 -26.44 -34.23
CA LYS A 259 11.86 -26.99 -35.27
C LYS A 259 11.63 -28.49 -35.47
N GLN A 260 10.44 -28.83 -35.95
CA GLN A 260 10.11 -30.23 -36.25
C GLN A 260 10.61 -30.65 -37.62
N ASP A 261 10.72 -29.71 -38.56
CA ASP A 261 11.06 -30.06 -39.93
C ASP A 261 12.46 -30.66 -40.02
N LEU A 262 13.44 -30.06 -39.33
CA LEU A 262 14.78 -30.61 -39.30
C LEU A 262 14.78 -32.00 -38.66
N LEU A 263 14.01 -32.17 -37.59
CA LEU A 263 13.91 -33.49 -36.96
C LEU A 263 13.40 -34.53 -37.95
N ALA A 264 12.34 -34.21 -38.68
CA ALA A 264 11.79 -35.16 -39.65
C ALA A 264 12.80 -35.46 -40.76
N GLU A 265 13.44 -34.41 -41.29
CA GLU A 265 14.38 -34.63 -42.38
C GLU A 265 15.56 -35.49 -41.94
N LYS A 266 16.10 -35.23 -40.74
CA LYS A 266 17.20 -36.05 -40.24
C LYS A 266 16.75 -37.47 -39.91
N VAL A 267 15.53 -37.65 -39.43
CA VAL A 267 15.03 -39.00 -39.16
C VAL A 267 14.87 -39.81 -40.44
N LEU A 268 14.36 -39.18 -41.51
CA LEU A 268 14.20 -39.91 -42.77
C LEU A 268 15.54 -40.39 -43.30
N ALA A 269 16.57 -39.57 -43.20
CA ALA A 269 17.90 -39.93 -43.66
C ALA A 269 18.63 -40.73 -42.59
N GLY A 270 19.79 -41.26 -42.94
CA GLY A 270 20.63 -42.02 -42.04
C GLY A 270 21.81 -41.21 -41.54
N LYS A 271 22.89 -41.93 -41.21
CA LYS A 271 24.14 -41.36 -40.71
C LYS A 271 24.00 -40.74 -39.33
N SER A 272 22.91 -41.03 -38.62
CA SER A 272 22.72 -40.53 -37.27
C SER A 272 21.82 -41.49 -36.51
N LYS A 273 22.00 -41.55 -35.19
CA LYS A 273 21.21 -42.42 -34.35
C LYS A 273 21.15 -41.83 -32.95
N ILE A 274 20.14 -42.26 -32.18
CA ILE A 274 19.93 -41.75 -30.84
C ILE A 274 20.45 -42.76 -29.82
N GLU A 275 20.52 -44.03 -30.21
CA GLU A 275 20.98 -45.06 -29.29
C GLU A 275 22.38 -44.79 -28.78
N ASP A 276 23.19 -44.05 -29.55
CA ASP A 276 24.54 -43.70 -29.10
C ASP A 276 24.50 -42.84 -27.85
N TYR A 277 23.55 -41.89 -27.80
CA TYR A 277 23.50 -40.91 -26.72
C TYR A 277 22.63 -41.35 -25.56
N PHE A 278 21.41 -41.83 -25.83
CA PHE A 278 20.42 -42.09 -24.79
C PHE A 278 20.02 -43.57 -24.84
N PRO A 279 20.68 -44.44 -24.05
CA PRO A 279 20.26 -45.83 -23.99
C PRO A 279 18.85 -46.00 -23.42
N GLU A 280 18.38 -47.25 -23.36
CA GLU A 280 17.04 -47.58 -22.88
C GLU A 280 15.98 -47.21 -23.91
N PHE A 281 16.34 -46.60 -25.03
CA PHE A 281 15.39 -46.32 -26.09
C PHE A 281 15.10 -47.62 -26.84
N ALA A 282 16.03 -48.59 -26.82
CA ALA A 282 15.84 -49.85 -27.54
C ALA A 282 14.80 -50.73 -26.89
N ARG A 283 14.76 -50.76 -25.57
CA ARG A 283 13.70 -51.48 -24.87
C ARG A 283 12.42 -50.65 -24.80
N TYR A 284 12.40 -49.40 -25.25
CA TYR A 284 11.20 -48.58 -25.12
C TYR A 284 10.05 -49.21 -25.89
N THR A 285 8.84 -49.03 -25.36
CA THR A 285 7.66 -49.65 -25.94
C THR A 285 7.25 -48.94 -27.22
N THR A 286 6.18 -49.43 -27.84
CA THR A 286 5.56 -48.78 -28.98
C THR A 286 4.81 -47.55 -28.47
N PRO A 287 4.47 -46.59 -29.35
CA PRO A 287 3.84 -45.36 -28.85
C PRO A 287 2.56 -45.64 -28.08
N GLU A 288 2.33 -44.87 -27.01
CA GLU A 288 1.22 -45.16 -26.10
C GLU A 288 -0.10 -45.23 -26.85
N ASP A 289 -1.06 -45.93 -26.25
CA ASP A 289 -2.35 -46.15 -26.89
C ASP A 289 -3.07 -44.85 -27.20
N ALA A 290 -2.83 -43.80 -26.42
CA ALA A 290 -3.53 -42.53 -26.61
C ALA A 290 -2.86 -41.64 -27.63
N THR A 291 -1.72 -42.04 -28.19
CA THR A 291 -1.04 -41.22 -29.18
C THR A 291 -1.88 -41.16 -30.46
N PRO A 292 -2.28 -39.98 -30.92
CA PRO A 292 -3.04 -39.91 -32.18
C PRO A 292 -2.11 -39.87 -33.39
N GLU A 293 -2.73 -39.80 -34.57
CA GLU A 293 -2.02 -39.78 -35.84
C GLU A 293 -2.53 -38.59 -36.66
N PRO A 294 -2.08 -37.38 -36.34
CA PRO A 294 -2.56 -36.19 -37.04
C PRO A 294 -2.01 -36.05 -38.45
N GLY A 295 -1.10 -36.91 -38.86
CA GLY A 295 -0.50 -36.83 -40.19
C GLY A 295 -0.09 -38.19 -40.69
N GLU A 296 0.02 -38.30 -42.01
CA GLU A 296 0.40 -39.55 -42.66
C GLU A 296 1.92 -39.56 -42.82
N ASP A 297 2.60 -40.18 -41.86
CA ASP A 297 4.05 -40.27 -41.85
C ASP A 297 4.47 -41.66 -41.37
N PRO A 298 5.67 -42.10 -41.74
CA PRO A 298 6.14 -43.43 -41.28
C PRO A 298 6.28 -43.47 -39.77
N ARG A 299 6.16 -44.68 -39.23
CA ARG A 299 6.17 -44.86 -37.78
C ARG A 299 7.48 -44.40 -37.15
N VAL A 300 8.58 -44.42 -37.92
CA VAL A 300 9.87 -44.00 -37.38
C VAL A 300 9.83 -42.54 -36.97
N THR A 301 9.03 -41.72 -37.65
CA THR A 301 8.98 -40.30 -37.35
C THR A 301 8.43 -40.02 -35.95
N ARG A 302 7.77 -41.00 -35.34
CA ARG A 302 7.11 -40.82 -34.05
C ARG A 302 8.06 -40.96 -32.86
N ALA A 303 9.11 -40.13 -32.79
CA ALA A 303 10.02 -40.15 -31.66
C ALA A 303 9.81 -38.98 -30.71
N LYS A 304 8.88 -38.09 -31.01
CA LYS A 304 8.64 -36.91 -30.16
C LYS A 304 8.07 -37.31 -28.80
N TYR A 305 7.29 -38.40 -28.75
CA TYR A 305 6.67 -38.80 -27.49
C TYR A 305 7.70 -39.21 -26.45
N PHE A 306 8.84 -39.77 -26.89
CA PHE A 306 9.89 -40.11 -25.93
C PHE A 306 10.40 -38.87 -25.22
N ILE A 307 10.71 -37.82 -25.97
CA ILE A 307 11.18 -36.57 -25.37
C ILE A 307 10.08 -35.96 -24.50
N ARG A 308 8.83 -36.02 -24.96
CA ARG A 308 7.73 -35.46 -24.17
C ARG A 308 7.62 -36.16 -22.82
N ASP A 309 7.88 -37.45 -22.74
CA ASP A 309 7.83 -38.17 -21.46
C ASP A 309 9.02 -37.98 -20.53
N GLU A 310 10.16 -37.53 -21.03
CA GLU A 310 11.32 -37.26 -20.18
C GLU A 310 11.21 -35.96 -19.37
N PHE A 311 10.44 -35.00 -19.86
CA PHE A 311 10.20 -33.74 -19.16
C PHE A 311 9.03 -33.87 -18.26
N LEU A 312 7.95 -34.48 -18.74
CA LEU A 312 6.82 -34.73 -17.88
C LEU A 312 7.24 -35.63 -16.78
N ARG A 313 8.25 -36.49 -16.90
CA ARG A 313 8.55 -37.32 -15.73
C ARG A 313 8.93 -36.46 -14.54
N ILE A 314 9.80 -35.45 -14.77
CA ILE A 314 10.23 -34.59 -13.67
C ILE A 314 9.06 -33.77 -13.15
N SER A 315 8.25 -33.23 -14.05
CA SER A 315 7.14 -32.39 -13.63
C SER A 315 6.10 -33.18 -12.85
N THR A 316 6.06 -34.51 -13.05
CA THR A 316 5.08 -35.34 -12.37
C THR A 316 5.18 -35.18 -10.86
N ALA A 317 6.39 -35.24 -10.31
CA ALA A 317 6.56 -35.28 -8.87
C ALA A 317 6.57 -33.87 -8.28
N SER A 318 6.50 -33.80 -6.95
CA SER A 318 6.57 -32.56 -6.20
C SER A 318 5.31 -31.71 -6.36
N GLY A 319 4.29 -32.27 -7.00
CA GLY A 319 3.05 -31.53 -7.18
C GLY A 319 1.96 -31.99 -6.23
N ASP A 320 1.25 -31.01 -5.67
CA ASP A 320 0.15 -31.26 -4.74
C ASP A 320 -1.03 -30.34 -5.08
N GLY A 321 -1.21 -30.08 -6.38
CA GLY A 321 -2.36 -29.35 -6.86
C GLY A 321 -2.25 -27.84 -6.81
N ARG A 322 -1.08 -27.28 -6.53
CA ARG A 322 -0.91 -25.83 -6.47
C ARG A 322 -0.32 -25.21 -7.73
N HIS A 323 0.12 -26.03 -8.69
CA HIS A 323 0.63 -25.50 -9.95
C HIS A 323 0.57 -26.62 -10.99
N TYR A 324 0.47 -26.23 -12.25
CA TYR A 324 0.29 -27.16 -13.35
C TYR A 324 1.17 -26.76 -14.53
N CYS A 325 1.25 -27.66 -15.50
CA CYS A 325 2.10 -27.47 -16.69
C CYS A 325 1.31 -27.85 -17.93
N TYR A 326 1.59 -27.17 -19.05
CA TYR A 326 0.91 -27.42 -20.31
C TYR A 326 1.93 -27.56 -21.44
N PRO A 327 2.09 -28.73 -22.06
CA PRO A 327 2.99 -28.84 -23.20
C PRO A 327 2.31 -28.58 -24.53
N HIS A 328 3.12 -28.23 -25.54
CA HIS A 328 2.62 -27.97 -26.88
C HIS A 328 3.73 -28.23 -27.90
N PHE A 329 3.30 -28.39 -29.16
CA PHE A 329 4.22 -28.52 -30.29
C PHE A 329 4.14 -27.27 -31.15
N THR A 330 5.23 -26.98 -31.85
CA THR A 330 5.28 -25.83 -32.75
C THR A 330 6.14 -26.18 -33.96
N CYS A 331 5.96 -25.40 -35.03
CA CYS A 331 6.68 -25.60 -36.28
C CYS A 331 7.41 -24.31 -36.66
N SER A 332 8.16 -24.39 -37.75
CA SER A 332 8.97 -23.26 -38.19
C SER A 332 8.10 -22.19 -38.85
N VAL A 333 8.24 -20.96 -38.36
CA VAL A 333 7.53 -19.81 -38.93
C VAL A 333 6.05 -20.11 -39.02
N ASP A 334 5.49 -20.74 -37.98
CA ASP A 334 4.09 -21.08 -37.99
C ASP A 334 3.25 -19.84 -37.64
N THR A 335 1.94 -20.07 -37.51
CA THR A 335 0.98 -19.00 -37.25
C THR A 335 0.01 -19.47 -36.18
N GLU A 336 -1.12 -18.77 -36.09
CA GLU A 336 -2.16 -19.00 -35.06
C GLU A 336 -1.55 -19.36 -33.70
N ASN A 337 -0.43 -18.72 -33.37
CA ASN A 337 0.19 -18.94 -32.06
C ASN A 337 -0.52 -18.15 -30.97
N ALA A 338 -1.08 -16.98 -31.31
CA ALA A 338 -1.71 -16.12 -30.31
C ALA A 338 -2.94 -16.77 -29.70
N ARG A 339 -3.73 -17.48 -30.51
CA ARG A 339 -4.96 -18.08 -30.00
C ARG A 339 -4.70 -19.08 -28.89
N ARG A 340 -3.54 -19.74 -28.92
CA ARG A 340 -3.29 -20.83 -27.98
C ARG A 340 -3.24 -20.34 -26.54
N ILE A 341 -2.58 -19.21 -26.29
CA ILE A 341 -2.36 -18.75 -24.92
C ILE A 341 -3.67 -18.36 -24.25
N PHE A 342 -4.65 -17.89 -25.04
CA PHE A 342 -5.86 -17.31 -24.48
C PHE A 342 -6.64 -18.33 -23.66
N ASN A 343 -6.81 -19.54 -24.19
CA ASN A 343 -7.60 -20.54 -23.49
C ASN A 343 -6.96 -20.93 -22.16
N ASP A 344 -5.64 -21.14 -22.16
CA ASP A 344 -4.95 -21.48 -20.92
C ASP A 344 -5.04 -20.35 -19.92
N VAL A 345 -4.91 -19.11 -20.38
CA VAL A 345 -5.00 -17.97 -19.47
C VAL A 345 -6.39 -17.93 -18.83
N THR A 346 -7.43 -18.13 -19.65
CA THR A 346 -8.79 -18.12 -19.13
C THR A 346 -8.99 -19.22 -18.09
N ASP A 347 -8.51 -20.43 -18.40
CA ASP A 347 -8.67 -21.55 -17.48
C ASP A 347 -7.95 -21.28 -16.17
N ILE A 348 -6.72 -20.76 -16.24
CA ILE A 348 -5.95 -20.49 -15.03
C ILE A 348 -6.65 -19.43 -14.19
N ILE A 349 -7.17 -18.38 -14.84
CA ILE A 349 -7.88 -17.33 -14.12
C ILE A 349 -9.11 -17.91 -13.44
N ILE A 350 -9.85 -18.78 -14.15
CA ILE A 350 -11.06 -19.38 -13.58
C ILE A 350 -10.72 -20.21 -12.36
N LYS A 351 -9.65 -21.00 -12.43
CA LYS A 351 -9.36 -21.94 -11.34
C LYS A 351 -9.13 -21.23 -10.01
N MET A 352 -8.64 -19.99 -10.03
CA MET A 352 -8.27 -19.32 -8.79
C MET A 352 -9.49 -18.89 -7.99
N ASN A 353 -10.54 -18.42 -8.68
CA ASN A 353 -11.70 -17.90 -7.97
C ASN A 353 -12.38 -18.98 -7.15
N LEU A 354 -12.40 -20.22 -7.66
CA LEU A 354 -13.02 -21.31 -6.91
C LEU A 354 -12.35 -21.52 -5.58
N ARG A 355 -11.01 -21.50 -5.56
CA ARG A 355 -10.29 -21.55 -4.29
C ARG A 355 -10.58 -20.32 -3.44
N ASP A 356 -10.68 -19.16 -4.09
CA ASP A 356 -10.89 -17.92 -3.34
C ASP A 356 -12.15 -18.00 -2.48
N CYS A 357 -13.27 -18.41 -3.09
CA CYS A 357 -14.53 -18.45 -2.36
C CYS A 357 -14.49 -19.46 -1.23
N GLY A 358 -13.77 -20.55 -1.43
CA GLY A 358 -13.76 -21.66 -0.49
C GLY A 358 -14.61 -22.84 -0.88
N LEU A 359 -15.19 -22.82 -2.07
CA LEU A 359 -16.01 -23.92 -2.57
C LEU A 359 -15.19 -25.04 -3.18
N PHE A 360 -13.87 -24.85 -3.29
CA PHE A 360 -12.99 -25.87 -3.85
C PHE A 360 -11.69 -25.97 -3.05
N GLN B 11 55.80 -19.30 -7.91
CA GLN B 11 56.82 -18.40 -7.27
C GLN B 11 56.13 -17.26 -6.53
N LEU B 12 55.22 -16.57 -7.22
CA LEU B 12 54.53 -15.43 -6.64
C LEU B 12 53.57 -15.88 -5.54
N ARG B 13 53.00 -17.09 -5.68
CA ARG B 13 52.07 -17.60 -4.68
C ARG B 13 52.75 -17.70 -3.32
N GLN B 14 54.00 -18.15 -3.29
CA GLN B 14 54.72 -18.28 -2.02
C GLN B 14 54.92 -16.92 -1.36
N GLU B 15 55.27 -15.90 -2.14
CA GLU B 15 55.43 -14.56 -1.59
C GLU B 15 54.11 -14.04 -1.05
N ALA B 16 53.01 -14.27 -1.77
CA ALA B 16 51.70 -13.85 -1.27
C ALA B 16 51.36 -14.54 0.04
N GLU B 17 51.63 -15.84 0.13
CA GLU B 17 51.37 -16.57 1.36
C GLU B 17 52.22 -16.02 2.51
N GLN B 18 53.49 -15.72 2.23
CA GLN B 18 54.37 -15.15 3.24
C GLN B 18 53.82 -13.82 3.75
N LEU B 19 53.39 -12.96 2.83
CA LEU B 19 52.88 -11.65 3.24
C LEU B 19 51.59 -11.80 4.04
N LYS B 20 50.72 -12.72 3.64
CA LYS B 20 49.49 -12.96 4.39
C LYS B 20 49.81 -13.41 5.80
N ASN B 21 50.75 -14.35 5.96
CA ASN B 21 51.11 -14.81 7.29
C ASN B 21 51.73 -13.69 8.12
N GLN B 22 52.58 -12.86 7.50
CA GLN B 22 53.17 -11.75 8.22
C GLN B 22 52.10 -10.79 8.72
N ILE B 23 51.09 -10.52 7.89
CA ILE B 23 50.00 -9.66 8.31
C ILE B 23 49.22 -10.30 9.47
N ARG B 24 48.95 -11.61 9.34
CA ARG B 24 48.19 -12.29 10.39
C ARG B 24 48.92 -12.25 11.73
N ASP B 25 50.26 -12.30 11.70
CA ASP B 25 51.01 -12.43 12.94
C ASP B 25 50.75 -11.26 13.89
N ALA B 26 50.67 -10.04 13.35
CA ALA B 26 50.61 -8.87 14.22
C ALA B 26 49.34 -8.84 15.06
N ARG B 27 48.21 -9.24 14.49
CA ARG B 27 46.92 -9.05 15.16
C ARG B 27 46.79 -9.84 16.46
N LYS B 28 47.61 -10.87 16.67
CA LYS B 28 47.47 -11.68 17.87
C LYS B 28 47.80 -10.89 19.13
N ALA B 29 48.79 -10.01 19.06
CA ALA B 29 49.26 -9.31 20.26
C ALA B 29 48.27 -8.25 20.75
N CYS B 30 47.46 -7.69 19.84
CA CYS B 30 46.56 -6.60 20.22
C CYS B 30 45.40 -7.08 21.08
N ALA B 31 45.15 -8.38 21.16
CA ALA B 31 44.05 -8.92 21.96
C ALA B 31 44.42 -8.87 23.45
N ASP B 32 44.43 -7.65 23.98
CA ASP B 32 44.84 -7.42 25.37
C ASP B 32 43.81 -7.91 26.37
N ALA B 33 42.52 -7.74 26.08
CA ALA B 33 41.47 -8.11 27.03
C ALA B 33 40.18 -8.35 26.25
N THR B 34 39.22 -8.97 26.92
CA THR B 34 37.89 -9.21 26.38
C THR B 34 36.93 -8.17 26.96
N LEU B 35 36.17 -7.52 26.09
CA LEU B 35 35.28 -6.45 26.53
C LEU B 35 34.10 -6.97 27.34
N SER B 36 33.86 -8.28 27.36
CA SER B 36 32.78 -8.83 28.16
C SER B 36 33.09 -8.70 29.65
N GLN B 37 34.35 -8.93 30.03
CA GLN B 37 34.71 -8.88 31.44
C GLN B 37 34.61 -7.47 32.01
N ILE B 38 34.92 -6.45 31.20
CA ILE B 38 35.02 -5.09 31.72
C ILE B 38 33.68 -4.40 31.89
N THR B 39 32.57 -5.08 31.58
CA THR B 39 31.25 -4.49 31.69
C THR B 39 30.24 -5.38 32.41
N ASN B 40 30.68 -6.43 33.09
CA ASN B 40 29.75 -7.32 33.77
C ASN B 40 29.04 -6.65 34.94
N ASN B 41 29.61 -5.56 35.46
CA ASN B 41 29.05 -4.88 36.62
C ASN B 41 28.07 -3.76 36.27
N ILE B 42 27.79 -3.55 34.98
CA ILE B 42 26.93 -2.44 34.59
C ILE B 42 25.48 -2.80 34.85
N ASP B 43 24.69 -1.81 35.24
CA ASP B 43 23.28 -2.04 35.54
C ASP B 43 22.53 -2.35 34.24
N PRO B 44 21.51 -3.20 34.27
CA PRO B 44 20.72 -3.45 33.07
C PRO B 44 19.86 -2.25 32.70
N VAL B 45 19.13 -2.39 31.59
CA VAL B 45 18.36 -1.28 31.07
C VAL B 45 16.88 -1.41 31.44
N GLY B 46 16.28 -2.56 31.17
CA GLY B 46 14.89 -2.80 31.52
C GLY B 46 13.99 -2.97 30.32
N ARG B 47 12.72 -3.23 30.62
CA ARG B 47 11.73 -3.46 29.57
C ARG B 47 11.25 -2.13 28.97
N ILE B 48 10.75 -2.20 27.74
CA ILE B 48 10.28 -1.04 27.00
C ILE B 48 9.00 -1.43 26.27
N GLN B 49 8.05 -0.50 26.23
CA GLN B 49 6.78 -0.68 25.53
C GLN B 49 6.50 0.54 24.67
N MET B 50 5.84 0.31 23.52
CA MET B 50 5.52 1.39 22.59
C MET B 50 4.15 1.14 22.00
N ARG B 51 3.56 2.21 21.45
CA ARG B 51 2.20 2.17 20.93
C ARG B 51 2.16 2.87 19.58
N THR B 52 1.15 2.53 18.79
CA THR B 52 0.96 3.11 17.46
C THR B 52 0.20 4.43 17.58
N ARG B 53 0.54 5.40 16.73
CA ARG B 53 -0.09 6.71 16.76
C ARG B 53 -0.92 6.99 15.52
N ARG B 54 -0.38 6.73 14.32
CA ARG B 54 -1.05 7.13 13.10
C ARG B 54 -0.80 6.07 12.03
N THR B 55 -1.67 6.08 11.02
CA THR B 55 -1.58 5.15 9.89
C THR B 55 -1.85 5.90 8.60
N LEU B 56 -1.22 5.45 7.52
CA LEU B 56 -1.31 6.10 6.21
C LEU B 56 -1.60 5.06 5.14
N ARG B 57 -2.73 5.23 4.44
CA ARG B 57 -3.14 4.33 3.37
C ARG B 57 -2.73 4.90 2.01
N GLY B 58 -3.18 4.28 0.94
CA GLY B 58 -3.08 4.88 -0.39
C GLY B 58 -2.45 4.10 -1.54
N HIS B 59 -1.36 3.39 -1.27
CA HIS B 59 -0.66 2.69 -2.35
C HIS B 59 -1.43 1.44 -2.77
N LEU B 60 -1.38 1.15 -4.08
CA LEU B 60 -2.06 0.01 -4.65
C LEU B 60 -1.21 -1.25 -4.68
N ALA B 61 0.06 -1.18 -4.29
CA ALA B 61 0.95 -2.32 -4.41
C ALA B 61 2.02 -2.22 -3.33
N LYS B 62 2.96 -3.17 -3.38
CA LYS B 62 4.01 -3.26 -2.37
C LYS B 62 4.96 -2.07 -2.46
N ILE B 63 5.62 -1.78 -1.34
CA ILE B 63 6.46 -0.60 -1.18
C ILE B 63 7.90 -1.05 -0.94
N TYR B 64 8.85 -0.23 -1.40
CA TYR B 64 10.26 -0.59 -1.31
C TYR B 64 11.07 0.32 -0.39
N ALA B 65 11.07 1.63 -0.63
CA ALA B 65 12.00 2.52 0.04
C ALA B 65 11.30 3.77 0.56
N MET B 66 11.95 4.45 1.49
CA MET B 66 11.45 5.68 2.09
C MET B 66 12.63 6.46 2.66
N HIS B 67 12.41 7.75 2.90
CA HIS B 67 13.45 8.62 3.44
C HIS B 67 12.83 9.74 4.28
N TRP B 68 13.65 10.36 5.11
CA TRP B 68 13.20 11.45 5.97
C TRP B 68 13.73 12.79 5.48
N GLY B 69 13.13 13.88 6.01
CA GLY B 69 13.60 15.21 5.69
C GLY B 69 14.42 15.82 6.81
N THR B 70 15.07 16.94 6.50
CA THR B 70 15.90 17.60 7.49
C THR B 70 15.07 18.27 8.57
N ASP B 71 13.97 18.93 8.20
CA ASP B 71 13.11 19.61 9.15
C ASP B 71 12.35 18.66 10.06
N SER B 72 12.37 17.36 9.77
CA SER B 72 11.70 16.34 10.59
C SER B 72 10.18 16.43 10.50
N ARG B 73 9.64 16.94 9.39
CA ARG B 73 8.20 17.08 9.23
C ARG B 73 7.71 16.41 7.95
N LEU B 74 8.57 16.33 6.94
CA LEU B 74 8.19 15.84 5.62
C LEU B 74 8.97 14.57 5.28
N LEU B 75 8.35 13.71 4.48
CA LEU B 75 8.95 12.45 4.07
C LEU B 75 8.38 12.06 2.70
N VAL B 76 9.08 11.16 2.02
CA VAL B 76 8.70 10.68 0.70
C VAL B 76 8.74 9.16 0.70
N SER B 77 7.85 8.55 -0.09
CA SER B 77 7.76 7.10 -0.20
C SER B 77 7.60 6.72 -1.67
N ALA B 78 7.96 5.47 -1.97
CA ALA B 78 7.95 4.96 -3.34
C ALA B 78 7.21 3.64 -3.39
N SER B 79 6.65 3.32 -4.55
CA SER B 79 5.99 2.03 -4.79
C SER B 79 6.39 1.51 -6.15
N GLN B 80 6.12 0.22 -6.38
CA GLN B 80 6.44 -0.40 -7.65
C GLN B 80 5.30 -0.26 -8.65
N ASP B 81 4.31 0.57 -8.32
CA ASP B 81 3.24 0.91 -9.24
C ASP B 81 3.52 2.21 -10.01
N GLY B 82 4.69 2.81 -9.81
CA GLY B 82 5.06 4.00 -10.54
C GLY B 82 4.49 5.30 -10.01
N LYS B 83 4.60 5.54 -8.71
CA LYS B 83 4.10 6.77 -8.10
C LYS B 83 4.91 7.11 -6.85
N LEU B 84 5.02 8.41 -6.59
CA LEU B 84 5.67 8.94 -5.40
C LEU B 84 4.73 9.90 -4.71
N ILE B 85 4.70 9.87 -3.37
CA ILE B 85 3.80 10.68 -2.56
C ILE B 85 4.61 11.36 -1.47
N ILE B 86 4.23 12.59 -1.14
CA ILE B 86 4.80 13.34 -0.03
C ILE B 86 3.68 13.59 0.98
N TRP B 87 3.98 13.40 2.27
CA TRP B 87 2.97 13.44 3.31
C TRP B 87 3.35 14.47 4.37
N ASP B 88 2.33 15.01 5.04
CA ASP B 88 2.51 15.85 6.22
C ASP B 88 2.23 14.97 7.43
N SER B 89 3.23 14.84 8.31
CA SER B 89 3.13 13.89 9.41
C SER B 89 2.06 14.31 10.42
N TYR B 90 2.06 15.59 10.80
CA TYR B 90 1.18 16.02 11.89
C TYR B 90 -0.29 15.90 11.51
N THR B 91 -0.65 16.39 10.31
CA THR B 91 -2.05 16.48 9.91
C THR B 91 -2.49 15.35 8.99
N THR B 92 -1.57 14.54 8.48
CA THR B 92 -1.89 13.44 7.56
C THR B 92 -2.56 13.97 6.30
N ASN B 93 -1.88 14.87 5.59
CA ASN B 93 -2.37 15.42 4.33
C ASN B 93 -1.34 15.18 3.24
N LYS B 94 -1.82 15.06 2.01
CA LYS B 94 -0.98 14.76 0.85
C LYS B 94 -0.61 16.08 0.18
N VAL B 95 0.65 16.22 -0.18
CA VAL B 95 1.13 17.47 -0.77
C VAL B 95 1.21 17.36 -2.29
N HIS B 96 2.01 16.42 -2.78
CA HIS B 96 2.25 16.29 -4.21
C HIS B 96 2.28 14.82 -4.61
N ALA B 97 1.93 14.56 -5.86
CA ALA B 97 2.03 13.23 -6.46
C ALA B 97 2.60 13.39 -7.87
N ILE B 98 3.54 12.51 -8.22
CA ILE B 98 4.26 12.60 -9.48
C ILE B 98 4.22 11.25 -10.18
N PRO B 99 3.84 11.17 -11.45
CA PRO B 99 3.92 9.89 -12.16
C PRO B 99 5.33 9.60 -12.64
N LEU B 100 5.55 8.39 -13.12
CA LEU B 100 6.83 7.95 -13.65
C LEU B 100 6.66 7.27 -15.00
N ARG B 101 7.76 7.18 -15.73
CA ARG B 101 7.79 6.50 -17.01
C ARG B 101 8.16 5.03 -16.88
N SER B 102 8.73 4.62 -15.74
CA SER B 102 9.14 3.23 -15.54
C SER B 102 8.54 2.73 -14.23
N SER B 103 8.33 1.41 -14.17
CA SER B 103 7.68 0.78 -13.03
C SER B 103 8.66 0.15 -12.05
N TRP B 104 9.79 -0.38 -12.52
CA TRP B 104 10.75 -1.07 -11.66
C TRP B 104 11.67 -0.02 -11.05
N VAL B 105 11.43 0.30 -9.78
CA VAL B 105 12.23 1.28 -9.04
C VAL B 105 12.64 0.67 -7.71
N MET B 106 13.77 1.11 -7.18
CA MET B 106 14.33 0.55 -5.96
C MET B 106 14.83 1.57 -4.95
N THR B 107 15.17 2.79 -5.38
CA THR B 107 15.88 3.72 -4.52
C THR B 107 15.33 5.13 -4.70
N CYS B 108 15.51 5.95 -3.66
CA CYS B 108 15.18 7.36 -3.68
C CYS B 108 16.00 8.08 -2.63
N ALA B 109 16.11 9.40 -2.77
CA ALA B 109 16.89 10.21 -1.84
C ALA B 109 16.33 11.63 -1.78
N TYR B 110 16.72 12.36 -0.75
CA TYR B 110 16.26 13.72 -0.51
C TYR B 110 17.45 14.66 -0.39
N ALA B 111 17.34 15.84 -0.99
CA ALA B 111 18.42 16.81 -0.91
C ALA B 111 18.38 17.52 0.44
N PRO B 112 19.49 18.09 0.90
CA PRO B 112 19.49 18.76 2.22
C PRO B 112 18.72 20.06 2.23
N SER B 113 18.83 20.90 1.20
CA SER B 113 18.15 22.18 1.16
C SER B 113 16.67 22.07 0.83
N GLY B 114 16.21 20.91 0.37
CA GLY B 114 14.80 20.71 0.06
C GLY B 114 14.38 21.19 -1.32
N ASN B 115 15.32 21.32 -2.25
CA ASN B 115 15.00 21.83 -3.58
C ASN B 115 15.00 20.74 -4.66
N TYR B 116 15.65 19.60 -4.42
CA TYR B 116 15.86 18.61 -5.46
C TYR B 116 15.61 17.22 -4.89
N VAL B 117 15.21 16.30 -5.77
CA VAL B 117 14.93 14.92 -5.41
C VAL B 117 15.33 14.02 -6.57
N ALA B 118 15.75 12.79 -6.25
CA ALA B 118 16.23 11.85 -7.25
C ALA B 118 15.65 10.46 -6.98
N CYS B 119 15.63 9.65 -8.03
CA CYS B 119 15.13 8.28 -7.97
C CYS B 119 15.76 7.46 -9.07
N GLY B 120 15.61 6.13 -8.97
CA GLY B 120 16.18 5.24 -9.96
C GLY B 120 15.46 3.92 -9.96
N GLY B 121 15.98 3.00 -10.77
CA GLY B 121 15.38 1.68 -10.90
C GLY B 121 16.23 0.70 -11.70
N LEU B 122 15.58 -0.30 -12.30
CA LEU B 122 16.32 -1.30 -13.06
C LEU B 122 17.10 -0.66 -14.20
N ASP B 123 16.46 0.24 -14.96
CA ASP B 123 17.18 1.02 -15.95
C ASP B 123 18.28 1.82 -15.28
N ASN B 124 19.49 1.76 -15.84
CA ASN B 124 20.68 2.26 -15.16
C ASN B 124 20.71 3.79 -15.25
N ILE B 125 19.76 4.41 -14.56
CA ILE B 125 19.64 5.86 -14.50
C ILE B 125 19.08 6.28 -13.14
N CYS B 126 19.81 7.12 -12.43
CA CYS B 126 19.31 7.81 -11.24
C CYS B 126 18.98 9.24 -11.65
N SER B 127 17.68 9.53 -11.79
CA SER B 127 17.21 10.78 -12.36
C SER B 127 16.96 11.81 -11.27
N ILE B 128 16.67 13.05 -11.69
CA ILE B 128 16.47 14.17 -10.78
C ILE B 128 15.24 14.96 -11.22
N TYR B 129 14.65 15.71 -10.30
CA TYR B 129 13.46 16.52 -10.55
C TYR B 129 13.58 17.86 -9.86
N ASN B 130 12.79 18.83 -10.30
CA ASN B 130 12.75 20.16 -9.72
C ASN B 130 11.33 20.46 -9.27
N LEU B 131 11.19 21.30 -8.24
CA LEU B 131 9.90 21.60 -7.64
C LEU B 131 9.53 23.08 -7.68
N LYS B 132 10.51 23.98 -7.64
CA LYS B 132 10.27 25.42 -7.51
C LYS B 132 10.35 26.06 -8.89
N THR B 133 9.20 26.56 -9.36
CA THR B 133 9.13 27.31 -10.60
C THR B 133 7.99 28.33 -10.49
N ARG B 134 8.07 29.37 -11.33
CA ARG B 134 6.99 30.36 -11.36
C ARG B 134 5.66 29.70 -11.69
N GLU B 135 5.64 28.89 -12.74
CA GLU B 135 4.48 28.06 -13.05
C GLU B 135 4.42 26.88 -12.10
N GLY B 136 3.20 26.46 -11.77
CA GLY B 136 3.02 25.38 -10.83
C GLY B 136 3.00 24.01 -11.46
N ASN B 137 4.15 23.34 -11.48
CA ASN B 137 4.25 21.99 -12.02
C ASN B 137 5.63 21.40 -11.76
N VAL B 138 5.69 20.10 -11.51
CA VAL B 138 6.97 19.41 -11.31
C VAL B 138 7.47 18.91 -12.64
N ARG B 139 8.76 19.13 -12.92
CA ARG B 139 9.33 18.76 -14.22
C ARG B 139 10.73 18.20 -14.02
N VAL B 140 11.17 17.42 -15.00
CA VAL B 140 12.46 16.74 -14.96
C VAL B 140 13.54 17.68 -15.47
N SER B 141 14.79 17.42 -15.06
CA SER B 141 15.93 18.26 -15.41
C SER B 141 17.01 17.56 -16.21
N ARG B 142 17.55 16.44 -15.73
CA ARG B 142 18.73 15.83 -16.32
C ARG B 142 18.66 14.31 -16.17
N GLU B 143 19.43 13.60 -17.00
CA GLU B 143 19.58 12.15 -16.90
C GLU B 143 21.05 11.80 -17.02
N LEU B 144 21.50 10.81 -16.25
CA LEU B 144 22.89 10.37 -16.25
C LEU B 144 22.93 8.88 -16.59
N ALA B 145 23.76 8.53 -17.56
CA ALA B 145 23.92 7.14 -17.98
C ALA B 145 25.40 6.78 -18.08
N GLY B 146 25.68 5.50 -18.29
CA GLY B 146 27.04 5.03 -18.45
C GLY B 146 27.33 3.70 -17.79
N HIS B 147 26.37 3.19 -17.03
CA HIS B 147 26.56 1.96 -16.27
C HIS B 147 26.02 0.76 -17.03
N THR B 148 26.54 -0.42 -16.68
CA THR B 148 26.18 -1.67 -17.34
C THR B 148 25.49 -2.65 -16.39
N GLY B 149 24.99 -2.17 -15.25
CA GLY B 149 24.32 -3.05 -14.31
C GLY B 149 23.21 -2.31 -13.59
N TYR B 150 22.35 -3.09 -12.96
CA TYR B 150 21.24 -2.52 -12.20
C TYR B 150 21.77 -1.77 -10.97
N LEU B 151 21.13 -0.66 -10.65
CA LEU B 151 21.58 0.19 -9.56
C LEU B 151 21.07 -0.33 -8.23
N SER B 152 21.70 0.12 -7.15
CA SER B 152 21.26 -0.15 -5.79
C SER B 152 20.94 1.11 -5.00
N CYS B 153 21.82 2.11 -5.02
CA CYS B 153 21.61 3.33 -4.27
C CYS B 153 22.35 4.48 -4.96
N CYS B 154 21.76 5.68 -4.88
CA CYS B 154 22.42 6.92 -5.30
C CYS B 154 22.12 7.99 -4.26
N ARG B 155 23.14 8.36 -3.48
CA ARG B 155 22.98 9.29 -2.37
C ARG B 155 23.45 10.67 -2.79
N PHE B 156 22.85 11.71 -2.20
CA PHE B 156 23.06 13.08 -2.67
C PHE B 156 24.42 13.66 -2.26
N LEU B 157 24.69 13.78 -0.97
CA LEU B 157 25.80 14.61 -0.49
C LEU B 157 25.40 16.07 -0.74
N ASP B 158 26.26 16.87 -1.37
CA ASP B 158 25.97 18.28 -1.60
C ASP B 158 25.07 18.44 -2.83
N ASP B 159 24.80 19.70 -3.18
CA ASP B 159 23.89 19.99 -4.29
C ASP B 159 24.47 19.54 -5.63
N ASN B 160 25.75 19.80 -5.88
CA ASN B 160 26.35 19.59 -7.19
C ASN B 160 27.11 18.28 -7.30
N GLN B 161 27.05 17.43 -6.28
CA GLN B 161 27.78 16.17 -6.27
C GLN B 161 26.82 15.04 -5.92
N ILE B 162 27.19 13.83 -6.33
CA ILE B 162 26.38 12.65 -6.08
C ILE B 162 27.26 11.42 -6.22
N VAL B 163 26.92 10.37 -5.46
CA VAL B 163 27.61 9.09 -5.49
C VAL B 163 26.60 8.00 -5.82
N THR B 164 27.05 6.94 -6.47
CA THR B 164 26.17 5.88 -6.92
C THR B 164 26.92 4.55 -6.89
N SER B 165 26.16 3.47 -6.71
CA SER B 165 26.67 2.11 -6.78
C SER B 165 25.79 1.30 -7.72
N SER B 166 26.37 0.23 -8.28
CA SER B 166 25.67 -0.60 -9.25
C SER B 166 25.95 -2.07 -8.97
N GLY B 167 25.14 -2.93 -9.58
CA GLY B 167 25.34 -4.36 -9.42
C GLY B 167 26.73 -4.79 -9.84
N ASP B 168 27.22 -4.26 -10.96
CA ASP B 168 28.62 -4.45 -11.33
C ASP B 168 29.52 -3.86 -10.24
N THR B 169 30.67 -4.50 -10.02
CA THR B 169 31.50 -4.19 -8.88
C THR B 169 32.35 -2.93 -9.12
N THR B 170 31.71 -1.80 -9.41
CA THR B 170 32.40 -0.54 -9.55
C THR B 170 31.49 0.59 -9.08
N CYS B 171 32.11 1.68 -8.65
CA CYS B 171 31.42 2.89 -8.23
C CYS B 171 32.06 4.10 -8.90
N ALA B 172 31.30 5.18 -9.00
CA ALA B 172 31.76 6.37 -9.69
C ALA B 172 31.18 7.61 -9.04
N LEU B 173 31.77 8.75 -9.38
CA LEU B 173 31.32 10.07 -8.94
C LEU B 173 30.87 10.86 -10.16
N TRP B 174 29.95 11.80 -9.95
CA TRP B 174 29.34 12.55 -11.03
C TRP B 174 29.35 14.04 -10.72
N ASP B 175 29.23 14.84 -11.77
CA ASP B 175 29.04 16.29 -11.66
C ASP B 175 27.83 16.65 -12.50
N ILE B 176 26.87 17.33 -11.88
CA ILE B 176 25.59 17.58 -12.56
C ILE B 176 25.77 18.60 -13.68
N GLU B 177 26.57 19.64 -13.44
CA GLU B 177 26.68 20.73 -14.42
C GLU B 177 27.10 20.21 -15.78
N THR B 178 28.18 19.43 -15.85
CA THR B 178 28.64 18.85 -17.10
C THR B 178 28.11 17.45 -17.31
N GLY B 179 27.64 16.78 -16.27
CA GLY B 179 27.08 15.45 -16.40
C GLY B 179 28.07 14.39 -16.84
N GLN B 180 29.30 14.45 -16.33
CA GLN B 180 30.31 13.46 -16.65
C GLN B 180 31.00 13.02 -15.38
N GLN B 181 31.53 11.80 -15.41
CA GLN B 181 32.20 11.24 -14.25
C GLN B 181 33.59 11.83 -14.08
N THR B 182 34.15 11.65 -12.88
CA THR B 182 35.48 12.15 -12.57
C THR B 182 36.38 11.12 -11.90
N THR B 183 35.83 10.12 -11.22
CA THR B 183 36.62 9.11 -10.54
C THR B 183 35.87 7.79 -10.56
N THR B 184 36.62 6.68 -10.54
CA THR B 184 36.05 5.35 -10.52
C THR B 184 36.81 4.49 -9.53
N PHE B 185 36.10 3.56 -8.89
CA PHE B 185 36.69 2.65 -7.89
C PHE B 185 36.38 1.22 -8.33
N THR B 186 37.38 0.35 -8.24
CA THR B 186 37.25 -1.05 -8.64
C THR B 186 38.01 -1.92 -7.64
N GLY B 187 37.76 -3.22 -7.69
CA GLY B 187 38.49 -4.16 -6.86
C GLY B 187 37.67 -5.32 -6.33
N HIS B 188 36.34 -5.18 -6.35
CA HIS B 188 35.46 -6.22 -5.84
C HIS B 188 35.26 -7.32 -6.88
N THR B 189 34.76 -8.46 -6.41
CA THR B 189 34.45 -9.60 -7.27
C THR B 189 33.00 -10.07 -7.11
N GLY B 190 32.14 -9.27 -6.46
CA GLY B 190 30.76 -9.64 -6.27
C GLY B 190 29.87 -8.41 -6.29
N ASP B 191 28.57 -8.66 -6.30
CA ASP B 191 27.61 -7.58 -6.37
C ASP B 191 27.66 -6.72 -5.12
N VAL B 192 27.54 -5.40 -5.31
CA VAL B 192 27.55 -4.43 -4.23
C VAL B 192 26.11 -4.08 -3.88
N MET B 193 25.83 -3.89 -2.59
CA MET B 193 24.47 -3.73 -2.10
C MET B 193 24.21 -2.41 -1.39
N SER B 194 25.09 -1.97 -0.49
CA SER B 194 24.78 -0.82 0.36
C SER B 194 26.05 0.01 0.58
N LEU B 195 25.83 1.27 0.96
CA LEU B 195 26.90 2.20 1.29
C LEU B 195 26.35 3.24 2.26
N SER B 196 27.26 3.85 3.03
CA SER B 196 26.88 4.83 4.04
C SER B 196 27.97 5.90 4.13
N LEU B 197 27.55 7.15 4.38
CA LEU B 197 28.49 8.26 4.48
C LEU B 197 28.84 8.54 5.94
N ALA B 198 29.84 9.44 6.14
CA ALA B 198 30.33 9.81 7.45
C ALA B 198 29.88 11.23 7.81
N PRO B 199 29.92 11.59 9.11
CA PRO B 199 29.51 12.94 9.51
C PRO B 199 30.26 14.01 8.73
N ASP B 200 31.59 13.98 8.78
CA ASP B 200 32.42 14.84 7.94
C ASP B 200 32.66 14.12 6.61
N THR B 201 32.23 14.76 5.52
CA THR B 201 32.17 14.11 4.21
C THR B 201 33.56 14.00 3.59
N ARG B 202 34.34 13.04 4.10
CA ARG B 202 35.63 12.70 3.53
C ARG B 202 35.84 11.20 3.36
N LEU B 203 35.01 10.36 3.98
CA LEU B 203 35.18 8.92 3.94
C LEU B 203 33.83 8.24 3.92
N PHE B 204 33.80 7.01 3.38
CA PHE B 204 32.59 6.22 3.30
C PHE B 204 32.97 4.75 3.14
N VAL B 205 32.00 3.87 3.39
CA VAL B 205 32.22 2.43 3.36
C VAL B 205 31.13 1.79 2.49
N SER B 206 31.40 0.54 2.10
CA SER B 206 30.44 -0.24 1.33
C SER B 206 30.76 -1.72 1.49
N GLY B 207 29.77 -2.56 1.18
CA GLY B 207 29.93 -3.99 1.27
C GLY B 207 29.35 -4.67 0.04
N ALA B 208 29.74 -5.92 -0.16
CA ALA B 208 29.33 -6.67 -1.34
C ALA B 208 29.01 -8.11 -0.93
N CYS B 209 28.57 -8.90 -1.91
CA CYS B 209 28.23 -10.29 -1.66
C CYS B 209 29.45 -11.17 -1.41
N ASP B 210 30.66 -10.65 -1.60
CA ASP B 210 31.85 -11.44 -1.32
C ASP B 210 32.10 -11.59 0.18
N ALA B 211 31.21 -11.05 1.02
CA ALA B 211 31.34 -11.15 2.47
C ALA B 211 32.60 -10.41 2.96
N SER B 212 32.84 -9.24 2.39
CA SER B 212 33.98 -8.43 2.77
C SER B 212 33.60 -6.96 2.64
N ALA B 213 34.31 -6.11 3.38
CA ALA B 213 34.07 -4.68 3.40
C ALA B 213 35.37 -3.94 3.13
N LYS B 214 35.25 -2.67 2.77
CA LYS B 214 36.40 -1.86 2.43
C LYS B 214 36.17 -0.41 2.85
N LEU B 215 37.26 0.37 2.81
CA LEU B 215 37.23 1.79 3.11
C LEU B 215 37.82 2.55 1.94
N TRP B 216 37.34 3.78 1.74
CA TRP B 216 37.73 4.58 0.58
C TRP B 216 37.98 6.02 0.99
N ASP B 217 38.76 6.71 0.17
CA ASP B 217 39.06 8.13 0.32
C ASP B 217 38.48 8.83 -0.90
N VAL B 218 37.86 9.99 -0.69
CA VAL B 218 37.15 10.66 -1.79
C VAL B 218 38.14 11.38 -2.69
N ARG B 219 39.00 12.22 -2.11
CA ARG B 219 39.91 13.01 -2.93
C ARG B 219 40.99 12.16 -3.57
N GLU B 220 41.62 11.28 -2.78
CA GLU B 220 42.70 10.45 -3.30
C GLU B 220 42.15 9.37 -4.24
N GLY B 221 41.28 8.51 -3.73
CA GLY B 221 40.68 7.45 -4.50
C GLY B 221 41.32 6.08 -4.37
N MET B 222 41.86 5.76 -3.20
CA MET B 222 42.53 4.48 -2.97
C MET B 222 42.01 3.85 -1.68
N CYS B 223 41.96 2.52 -1.67
CA CYS B 223 41.45 1.77 -0.53
C CYS B 223 42.52 1.67 0.56
N ARG B 224 42.06 1.45 1.80
CA ARG B 224 42.94 1.44 2.95
C ARG B 224 42.83 0.17 3.81
N GLN B 225 41.62 -0.36 4.00
CA GLN B 225 41.43 -1.45 4.96
C GLN B 225 40.35 -2.39 4.45
N THR B 226 40.30 -3.58 5.05
CA THR B 226 39.36 -4.62 4.64
C THR B 226 38.98 -5.47 5.84
N PHE B 227 37.82 -6.13 5.74
CA PHE B 227 37.35 -7.06 6.76
C PHE B 227 36.69 -8.25 6.08
N THR B 228 36.67 -9.38 6.79
CA THR B 228 36.27 -10.65 6.18
C THR B 228 35.41 -11.51 7.10
N GLY B 229 34.96 -10.96 8.22
CA GLY B 229 34.27 -11.73 9.25
C GLY B 229 33.23 -12.73 8.77
N HIS B 230 32.17 -12.25 8.12
CA HIS B 230 31.01 -13.10 7.88
C HIS B 230 31.35 -14.22 6.89
N GLU B 231 30.45 -15.21 6.82
CA GLU B 231 30.61 -16.38 5.98
C GLU B 231 29.45 -16.51 4.99
N SER B 232 28.63 -15.47 4.87
CA SER B 232 27.46 -15.52 4.00
C SER B 232 27.20 -14.11 3.47
N ASP B 233 26.06 -13.93 2.81
CA ASP B 233 25.76 -12.66 2.17
C ASP B 233 25.56 -11.57 3.21
N ILE B 234 25.88 -10.34 2.81
CA ILE B 234 25.77 -9.16 3.66
C ILE B 234 24.80 -8.19 2.98
N ASN B 235 23.90 -7.61 3.77
CA ASN B 235 22.81 -6.79 3.23
C ASN B 235 22.77 -5.37 3.75
N ALA B 236 23.17 -5.12 5.00
CA ALA B 236 22.96 -3.83 5.62
C ALA B 236 24.23 -3.36 6.32
N ILE B 237 24.36 -2.04 6.47
CA ILE B 237 25.48 -1.43 7.16
C ILE B 237 25.07 -0.03 7.62
N CYS B 238 25.66 0.41 8.72
CA CYS B 238 25.32 1.71 9.30
C CYS B 238 26.49 2.20 10.14
N PHE B 239 26.49 3.50 10.44
CA PHE B 239 27.57 4.14 11.16
C PHE B 239 27.18 4.45 12.60
N PHE B 240 28.17 4.93 13.37
CA PHE B 240 28.05 5.35 14.75
C PHE B 240 28.22 6.87 14.86
N PRO B 241 27.51 7.55 15.77
CA PRO B 241 27.62 9.02 15.81
C PRO B 241 29.05 9.53 15.95
N ASN B 242 29.87 8.87 16.76
CA ASN B 242 31.25 9.32 16.92
C ASN B 242 31.99 9.23 15.58
N GLY B 243 31.71 8.20 14.80
CA GLY B 243 32.30 8.02 13.49
C GLY B 243 33.43 7.00 13.43
N ASN B 244 33.78 6.37 14.54
CA ASN B 244 34.89 5.42 14.60
C ASN B 244 34.44 3.98 14.67
N ALA B 245 33.16 3.69 14.43
CA ALA B 245 32.64 2.34 14.52
C ALA B 245 31.47 2.17 13.57
N PHE B 246 31.18 0.92 13.22
CA PHE B 246 30.06 0.59 12.35
C PHE B 246 29.66 -0.86 12.60
N ALA B 247 28.45 -1.19 12.14
CA ALA B 247 27.90 -2.54 12.30
C ALA B 247 27.33 -3.03 10.98
N THR B 248 27.24 -4.36 10.86
CA THR B 248 26.78 -5.00 9.64
C THR B 248 25.83 -6.13 9.98
N GLY B 249 24.97 -6.45 9.01
CA GLY B 249 24.07 -7.58 9.14
C GLY B 249 24.27 -8.55 8.00
N SER B 250 23.93 -9.82 8.25
CA SER B 250 24.16 -10.90 7.30
C SER B 250 22.91 -11.74 7.15
N ASP B 251 22.91 -12.58 6.12
CA ASP B 251 21.80 -13.47 5.84
C ASP B 251 21.74 -14.67 6.78
N ASP B 252 22.86 -15.03 7.41
CA ASP B 252 22.93 -16.20 8.28
C ASP B 252 22.39 -15.95 9.68
N ALA B 253 21.62 -14.87 9.88
CA ALA B 253 20.98 -14.58 11.17
C ALA B 253 22.03 -14.26 12.23
N THR B 254 22.93 -13.33 11.91
CA THR B 254 23.95 -12.87 12.84
C THR B 254 24.28 -11.41 12.56
N CYS B 255 24.71 -10.71 13.60
CA CYS B 255 25.16 -9.33 13.50
C CYS B 255 26.49 -9.19 14.24
N ARG B 256 27.34 -8.30 13.75
CA ARG B 256 28.68 -8.15 14.29
C ARG B 256 29.07 -6.67 14.32
N LEU B 257 30.09 -6.35 15.11
CA LEU B 257 30.57 -5.00 15.31
C LEU B 257 32.05 -4.93 14.96
N PHE B 258 32.52 -3.73 14.61
CA PHE B 258 33.90 -3.54 14.19
C PHE B 258 34.42 -2.18 14.66
N ASP B 259 35.74 -2.04 14.66
CA ASP B 259 36.42 -0.82 15.04
C ASP B 259 37.44 -0.44 13.97
N LEU B 260 37.79 0.84 13.91
CA LEU B 260 38.70 1.33 12.89
C LEU B 260 40.15 1.41 13.35
N ARG B 261 40.40 1.75 14.62
CA ARG B 261 41.77 1.85 15.13
C ARG B 261 42.31 0.53 15.64
N ALA B 262 41.48 -0.28 16.30
CA ALA B 262 41.91 -1.61 16.72
C ALA B 262 41.93 -2.61 15.58
N ASP B 263 41.00 -2.51 14.63
CA ASP B 263 40.95 -3.40 13.47
C ASP B 263 40.68 -4.85 13.87
N GLN B 264 39.61 -5.06 14.64
CA GLN B 264 39.17 -6.41 14.96
C GLN B 264 37.76 -6.37 15.53
N GLU B 265 37.10 -7.53 15.50
CA GLU B 265 35.72 -7.63 15.93
C GLU B 265 35.61 -7.63 17.45
N LEU B 266 34.46 -7.19 17.95
CA LEU B 266 34.22 -7.07 19.39
C LEU B 266 33.15 -8.03 19.89
N MET B 267 31.94 -7.98 19.33
CA MET B 267 30.80 -8.69 19.90
C MET B 267 29.96 -9.32 18.80
N THR B 268 29.14 -10.29 19.19
CA THR B 268 28.16 -10.93 18.32
C THR B 268 26.87 -11.13 19.10
N TYR B 269 25.73 -11.01 18.41
CA TYR B 269 24.42 -11.22 18.99
C TYR B 269 23.70 -12.32 18.21
N SER B 270 23.11 -13.27 18.93
CA SER B 270 22.41 -14.39 18.29
C SER B 270 21.49 -15.04 19.29
N HIS B 271 20.54 -15.82 18.76
CA HIS B 271 19.67 -16.66 19.58
C HIS B 271 19.40 -17.94 18.81
N ASP B 272 19.12 -19.01 19.55
CA ASP B 272 18.93 -20.33 18.96
C ASP B 272 17.55 -20.54 18.35
N ASN B 273 16.57 -19.70 18.69
CA ASN B 273 15.20 -19.89 18.25
C ASN B 273 14.93 -19.29 16.87
N ILE B 274 15.84 -18.45 16.37
CA ILE B 274 15.64 -17.72 15.13
C ILE B 274 16.38 -18.44 14.01
N ILE B 275 15.74 -18.52 12.83
CA ILE B 275 16.34 -19.20 11.69
C ILE B 275 16.36 -18.27 10.47
N CYS B 276 15.52 -17.23 10.49
CA CYS B 276 15.39 -16.33 9.35
C CYS B 276 16.46 -15.24 9.37
N GLY B 277 16.57 -14.53 8.26
CA GLY B 277 17.59 -13.52 8.09
C GLY B 277 17.16 -12.14 8.57
N ILE B 278 17.98 -11.15 8.19
CA ILE B 278 17.79 -9.76 8.62
C ILE B 278 17.73 -8.90 7.36
N THR B 279 17.07 -7.74 7.48
CA THR B 279 16.91 -6.84 6.35
C THR B 279 17.44 -5.43 6.60
N SER B 280 17.22 -4.86 7.78
CA SER B 280 17.56 -3.47 8.04
C SER B 280 18.12 -3.32 9.44
N VAL B 281 18.82 -2.20 9.65
CA VAL B 281 19.45 -1.89 10.93
C VAL B 281 19.59 -0.37 11.04
N SER B 282 19.44 0.15 12.26
CA SER B 282 19.57 1.59 12.49
C SER B 282 19.93 1.83 13.95
N PHE B 283 20.49 3.01 14.19
CA PHE B 283 20.94 3.43 15.53
C PHE B 283 20.06 4.56 16.06
N SER B 284 20.24 4.85 17.35
CA SER B 284 19.55 5.95 18.00
C SER B 284 20.50 7.13 18.22
N LYS B 285 19.98 8.18 18.85
CA LYS B 285 20.78 9.38 19.08
C LYS B 285 21.96 9.10 20.01
N SER B 286 21.70 8.49 21.17
CA SER B 286 22.74 8.28 22.17
C SER B 286 23.55 7.01 21.93
N GLY B 287 23.14 6.18 20.97
CA GLY B 287 23.89 4.97 20.66
C GLY B 287 23.70 3.84 21.64
N ARG B 288 22.79 3.97 22.59
CA ARG B 288 22.57 2.91 23.57
C ARG B 288 21.68 1.80 23.03
N LEU B 289 20.82 2.10 22.05
CA LEU B 289 19.83 1.17 21.56
C LEU B 289 20.08 0.84 20.10
N LEU B 290 19.72 -0.39 19.71
CA LEU B 290 19.86 -0.87 18.36
C LEU B 290 18.57 -1.57 17.94
N LEU B 291 18.19 -1.42 16.67
CA LEU B 291 16.98 -2.00 16.15
C LEU B 291 17.27 -2.76 14.85
N ALA B 292 16.48 -3.78 14.58
CA ALA B 292 16.61 -4.57 13.37
C ALA B 292 15.28 -5.21 13.04
N GLY B 293 15.12 -5.60 11.77
CA GLY B 293 13.91 -6.25 11.29
C GLY B 293 14.21 -7.64 10.80
N TYR B 294 13.15 -8.43 10.59
CA TYR B 294 13.29 -9.81 10.15
C TYR B 294 12.23 -10.14 9.11
N ASP B 295 12.41 -11.28 8.46
CA ASP B 295 11.51 -11.74 7.41
C ASP B 295 10.18 -12.24 7.99
N ASP B 296 10.16 -12.66 9.26
CA ASP B 296 9.03 -13.36 9.86
C ASP B 296 7.96 -12.41 10.39
N PHE B 297 7.89 -11.18 9.88
CA PHE B 297 6.88 -10.18 10.21
C PHE B 297 7.07 -9.58 11.58
N ASN B 298 8.30 -9.59 12.11
CA ASN B 298 8.58 -9.12 13.46
C ASN B 298 9.82 -8.23 13.44
N CYS B 299 9.88 -7.34 14.43
CA CYS B 299 11.03 -6.48 14.64
C CYS B 299 11.47 -6.60 16.09
N ASN B 300 12.78 -6.49 16.31
CA ASN B 300 13.35 -6.69 17.63
C ASN B 300 14.27 -5.52 17.95
N VAL B 301 14.56 -5.36 19.24
CA VAL B 301 15.43 -4.32 19.75
C VAL B 301 16.51 -4.97 20.60
N TRP B 302 17.68 -4.35 20.67
CA TRP B 302 18.83 -4.93 21.33
C TRP B 302 19.52 -3.89 22.19
N ASP B 303 20.29 -4.38 23.17
CA ASP B 303 21.10 -3.54 24.03
C ASP B 303 22.52 -3.52 23.46
N ALA B 304 23.03 -2.32 23.18
CA ALA B 304 24.33 -2.19 22.53
C ALA B 304 25.50 -2.53 23.45
N LEU B 305 25.33 -2.44 24.77
CA LEU B 305 26.43 -2.68 25.69
C LEU B 305 26.33 -4.03 26.40
N LYS B 306 25.11 -4.53 26.63
CA LYS B 306 24.92 -5.76 27.38
C LYS B 306 24.56 -6.95 26.49
N ALA B 307 24.15 -6.71 25.24
CA ALA B 307 23.86 -7.77 24.28
C ALA B 307 22.68 -8.63 24.71
N ASP B 308 21.59 -8.00 25.14
CA ASP B 308 20.38 -8.70 25.55
C ASP B 308 19.17 -8.06 24.91
N ARG B 309 18.20 -8.89 24.52
CA ARG B 309 16.97 -8.39 23.94
C ARG B 309 16.08 -7.77 25.03
N ALA B 310 15.31 -6.75 24.63
CA ALA B 310 14.53 -6.00 25.60
C ALA B 310 13.13 -5.61 25.15
N GLY B 311 12.69 -6.01 23.96
CA GLY B 311 11.34 -5.67 23.53
C GLY B 311 11.03 -6.19 22.15
N VAL B 312 9.76 -6.02 21.78
CA VAL B 312 9.25 -6.41 20.47
C VAL B 312 8.31 -5.31 20.00
N LEU B 313 7.99 -5.32 18.69
CA LEU B 313 7.20 -4.25 18.07
C LEU B 313 5.99 -4.86 17.35
N ALA B 314 5.24 -5.70 18.08
CA ALA B 314 3.97 -6.21 17.60
C ALA B 314 4.12 -6.97 16.29
N GLY B 315 3.14 -6.87 15.39
CA GLY B 315 3.09 -7.68 14.20
C GLY B 315 2.63 -6.92 12.97
N HIS B 316 2.83 -7.55 11.80
CA HIS B 316 2.36 -7.03 10.53
C HIS B 316 1.82 -8.19 9.70
N ASP B 317 1.09 -7.87 8.64
CA ASP B 317 0.44 -8.87 7.81
C ASP B 317 1.35 -9.41 6.71
N ASN B 318 2.55 -8.88 6.56
CA ASN B 318 3.45 -9.34 5.49
C ASN B 318 4.87 -8.92 5.84
N ARG B 319 5.76 -9.04 4.85
CA ARG B 319 7.19 -8.78 5.05
C ARG B 319 7.44 -7.30 5.33
N VAL B 320 8.46 -7.04 6.13
CA VAL B 320 8.85 -5.69 6.53
C VAL B 320 10.12 -5.31 5.78
N SER B 321 10.22 -4.05 5.34
CA SER B 321 11.29 -3.62 4.46
C SER B 321 12.19 -2.54 5.03
N CYS B 322 11.63 -1.43 5.53
CA CYS B 322 12.44 -0.23 5.77
C CYS B 322 12.23 0.30 7.18
N LEU B 323 13.19 1.10 7.63
CA LEU B 323 13.16 1.73 8.95
C LEU B 323 13.82 3.10 8.86
N GLY B 324 13.54 3.94 9.86
CA GLY B 324 14.12 5.27 9.91
C GLY B 324 13.88 6.00 11.21
N VAL B 325 14.83 6.85 11.60
CA VAL B 325 14.74 7.65 12.82
C VAL B 325 14.90 9.12 12.45
N THR B 326 14.16 9.98 13.13
CA THR B 326 14.25 11.42 12.87
C THR B 326 15.48 12.00 13.56
N ASP B 327 15.80 13.25 13.20
CA ASP B 327 16.98 13.91 13.75
C ASP B 327 16.82 14.20 15.24
N ASP B 328 15.67 14.71 15.65
CA ASP B 328 15.42 15.02 17.05
C ASP B 328 15.18 13.79 17.90
N GLY B 329 14.97 12.63 17.30
CA GLY B 329 14.81 11.40 18.04
C GLY B 329 13.51 11.26 18.79
N MET B 330 12.39 11.69 18.21
CA MET B 330 11.09 11.61 18.86
C MET B 330 10.10 10.73 18.11
N ALA B 331 10.46 10.20 16.95
CA ALA B 331 9.53 9.42 16.15
C ALA B 331 10.30 8.40 15.31
N VAL B 332 9.60 7.33 14.92
CA VAL B 332 10.15 6.27 14.08
C VAL B 332 9.00 5.64 13.31
N ALA B 333 9.28 5.30 12.04
CA ALA B 333 8.27 4.74 11.15
C ALA B 333 8.77 3.42 10.57
N THR B 334 7.82 2.63 10.08
CA THR B 334 8.11 1.32 9.52
C THR B 334 7.22 1.08 8.31
N GLY B 335 7.66 0.20 7.43
CA GLY B 335 6.90 -0.13 6.23
C GLY B 335 6.93 -1.63 5.99
N SER B 336 6.05 -2.07 5.09
CA SER B 336 5.96 -3.48 4.74
C SER B 336 5.32 -3.63 3.37
N TRP B 337 5.23 -4.88 2.92
CA TRP B 337 4.65 -5.22 1.62
C TRP B 337 3.13 -5.08 1.58
N ASP B 338 2.46 -4.85 2.70
CA ASP B 338 1.00 -4.80 2.74
C ASP B 338 0.45 -3.42 2.39
N SER B 339 1.27 -2.52 1.87
CA SER B 339 0.86 -1.21 1.37
C SER B 339 0.35 -0.28 2.48
N PHE B 340 0.82 -0.47 3.72
CA PHE B 340 0.41 0.39 4.82
C PHE B 340 1.64 0.80 5.62
N LEU B 341 1.56 2.00 6.21
CA LEU B 341 2.64 2.57 7.01
C LEU B 341 2.13 2.92 8.39
N LYS B 342 3.03 2.87 9.38
CA LYS B 342 2.68 3.14 10.76
C LYS B 342 3.78 3.95 11.42
N ILE B 343 3.42 4.65 12.50
CA ILE B 343 4.33 5.50 13.25
C ILE B 343 4.20 5.16 14.72
N TRP B 344 5.33 5.18 15.45
CA TRP B 344 5.37 4.86 16.86
C TRP B 344 6.02 5.99 17.64
N ASN B 345 5.50 6.23 18.84
CA ASN B 345 6.05 7.25 19.73
C ASN B 345 6.55 6.60 21.02
N GLY B 346 5.71 5.75 21.63
CA GLY B 346 6.11 5.02 22.82
C GLY B 346 6.51 5.90 23.98
N SER B 347 5.53 6.58 24.59
CA SER B 347 5.80 7.43 25.73
C SER B 347 4.69 7.23 26.77
N SER B 348 5.04 7.48 28.03
CA SER B 348 4.09 7.33 29.13
C SER B 348 4.18 8.52 30.09
N VAL C 2 3.76 35.29 -18.37
CA VAL C 2 2.61 35.50 -17.45
C VAL C 2 2.04 36.89 -17.65
N GLN C 3 0.95 36.98 -18.41
CA GLN C 3 0.32 38.25 -18.73
C GLN C 3 -1.19 38.14 -18.56
N LEU C 4 -1.83 39.24 -18.19
CA LEU C 4 -3.26 39.29 -17.97
C LEU C 4 -3.82 40.57 -18.59
N VAL C 5 -4.96 40.44 -19.28
CA VAL C 5 -5.59 41.55 -19.98
C VAL C 5 -7.10 41.44 -19.82
N GLU C 6 -7.75 42.59 -19.69
CA GLU C 6 -9.20 42.68 -19.55
C GLU C 6 -9.76 43.73 -20.50
N SER C 7 -11.06 43.64 -20.77
CA SER C 7 -11.73 44.59 -21.65
C SER C 7 -13.10 44.91 -21.07
N GLY C 8 -13.67 46.02 -21.56
CA GLY C 8 -14.98 46.49 -21.15
C GLY C 8 -14.95 47.98 -20.90
N GLY C 9 -15.95 48.45 -20.15
CA GLY C 9 -16.08 49.85 -19.83
C GLY C 9 -16.90 50.62 -20.84
N GLY C 10 -17.19 51.87 -20.51
CA GLY C 10 -17.96 52.74 -21.38
C GLY C 10 -18.81 53.74 -20.62
N LEU C 11 -19.88 54.22 -21.25
CA LEU C 11 -20.77 55.21 -20.67
C LEU C 11 -22.18 54.64 -20.64
N VAL C 12 -22.84 54.72 -19.48
CA VAL C 12 -24.20 54.25 -19.32
C VAL C 12 -25.00 55.29 -18.56
N GLN C 13 -26.33 55.17 -18.66
CA GLN C 13 -27.27 56.01 -17.92
C GLN C 13 -27.91 55.18 -16.81
N PRO C 14 -28.52 55.83 -15.81
CA PRO C 14 -29.13 55.08 -14.71
C PRO C 14 -30.13 54.05 -15.20
N GLY C 15 -30.11 52.86 -14.58
CA GLY C 15 -30.97 51.78 -15.00
C GLY C 15 -30.46 51.07 -16.25
N GLY C 16 -29.20 50.64 -16.22
CA GLY C 16 -28.58 49.92 -17.31
C GLY C 16 -27.94 48.63 -16.82
N SER C 17 -27.17 48.02 -17.73
CA SER C 17 -26.48 46.77 -17.41
C SER C 17 -25.26 46.65 -18.31
N ARG C 18 -24.22 45.99 -17.80
CA ARG C 18 -22.99 45.84 -18.55
C ARG C 18 -22.28 44.57 -18.09
N LYS C 19 -21.34 44.11 -18.93
CA LYS C 19 -20.61 42.87 -18.69
C LYS C 19 -19.13 43.09 -18.96
N LEU C 20 -18.29 42.33 -18.27
CA LEU C 20 -16.84 42.42 -18.39
C LEU C 20 -16.24 41.02 -18.53
N SER C 21 -15.05 40.96 -19.11
CA SER C 21 -14.38 39.69 -19.36
C SER C 21 -12.87 39.88 -19.22
N CYS C 22 -12.17 38.78 -18.97
CA CYS C 22 -10.73 38.77 -18.83
C CYS C 22 -10.14 37.54 -19.49
N SER C 23 -8.88 37.64 -19.92
CA SER C 23 -8.18 36.55 -20.56
C SER C 23 -6.80 36.38 -19.94
N ALA C 24 -6.29 35.15 -19.94
CA ALA C 24 -5.02 34.81 -19.33
C ALA C 24 -4.27 33.81 -20.20
N SER C 25 -2.95 33.76 -20.02
CA SER C 25 -2.11 32.82 -20.75
C SER C 25 -0.77 32.70 -20.05
N GLY C 26 -0.08 31.58 -20.28
CA GLY C 26 1.29 31.42 -19.84
C GLY C 26 1.48 30.58 -18.59
N PHE C 27 0.44 29.94 -18.07
CA PHE C 27 0.60 29.12 -16.87
C PHE C 27 -0.62 28.21 -16.73
N ALA C 28 -0.50 27.25 -15.82
CA ALA C 28 -1.58 26.31 -15.53
C ALA C 28 -2.71 27.06 -14.86
N PHE C 29 -3.85 27.17 -15.55
CA PHE C 29 -4.96 27.97 -15.06
C PHE C 29 -5.77 27.24 -14.00
N SER C 30 -5.82 25.91 -14.10
CA SER C 30 -6.74 25.11 -13.29
C SER C 30 -6.38 25.08 -11.81
N SER C 31 -5.21 25.57 -11.42
CA SER C 31 -4.72 25.41 -10.05
C SER C 31 -4.82 26.70 -9.22
N PHE C 32 -5.53 27.71 -9.68
CA PHE C 32 -5.51 29.02 -9.06
C PHE C 32 -6.92 29.57 -8.90
N GLY C 33 -7.13 30.33 -7.80
CA GLY C 33 -8.36 31.06 -7.62
C GLY C 33 -8.23 32.51 -8.08
N MET C 34 -9.35 33.23 -8.06
CA MET C 34 -9.40 34.60 -8.54
C MET C 34 -10.07 35.49 -7.50
N HIS C 35 -9.86 36.79 -7.64
CA HIS C 35 -10.45 37.80 -6.76
C HIS C 35 -10.70 39.07 -7.56
N TRP C 36 -11.51 39.96 -7.00
CA TRP C 36 -11.85 41.23 -7.61
C TRP C 36 -11.57 42.36 -6.64
N VAL C 37 -11.17 43.51 -7.17
CA VAL C 37 -10.87 44.71 -6.38
C VAL C 37 -11.24 45.92 -7.22
N ARG C 38 -11.67 46.99 -6.54
CA ARG C 38 -11.96 48.24 -7.22
C ARG C 38 -11.37 49.40 -6.45
N GLN C 39 -11.27 50.55 -7.12
CA GLN C 39 -10.71 51.76 -6.53
C GLN C 39 -11.54 52.96 -6.95
N ALA C 40 -11.57 53.97 -6.09
CA ALA C 40 -12.30 55.20 -6.34
C ALA C 40 -11.36 56.29 -6.84
N PRO C 41 -11.89 57.34 -7.47
CA PRO C 41 -11.01 58.39 -8.01
C PRO C 41 -10.11 59.02 -6.96
N GLU C 42 -10.61 59.27 -5.75
CA GLU C 42 -9.83 59.91 -4.70
C GLU C 42 -10.08 59.22 -3.37
N LYS C 43 -10.10 57.89 -3.37
CA LYS C 43 -10.34 57.13 -2.14
C LYS C 43 -9.46 55.90 -2.16
N GLY C 44 -9.72 54.98 -1.21
CA GLY C 44 -8.92 53.78 -1.05
C GLY C 44 -9.44 52.61 -1.86
N LEU C 45 -9.03 51.42 -1.43
CA LEU C 45 -9.39 50.18 -2.11
C LEU C 45 -10.59 49.54 -1.44
N GLU C 46 -11.22 48.61 -2.15
CA GLU C 46 -12.38 47.87 -1.65
C GLU C 46 -12.38 46.47 -2.26
N TRP C 47 -12.86 45.51 -1.48
CA TRP C 47 -12.94 44.13 -1.93
C TRP C 47 -14.36 43.78 -2.35
N VAL C 48 -14.49 42.86 -3.31
CA VAL C 48 -15.78 42.59 -3.92
C VAL C 48 -16.18 41.12 -3.77
N ALA C 49 -15.41 40.20 -4.35
CA ALA C 49 -15.87 38.82 -4.48
C ALA C 49 -14.69 37.86 -4.54
N TYR C 50 -15.03 36.58 -4.62
CA TYR C 50 -14.07 35.49 -4.66
C TYR C 50 -14.71 34.27 -5.32
N ILE C 51 -13.87 33.42 -5.90
CA ILE C 51 -14.29 32.13 -6.44
C ILE C 51 -13.15 31.14 -6.24
N SER C 52 -13.49 29.90 -5.95
CA SER C 52 -12.51 28.86 -5.68
C SER C 52 -12.16 28.09 -6.94
N SER C 53 -11.11 27.26 -6.83
CA SER C 53 -10.66 26.50 -7.99
C SER C 53 -11.72 25.51 -8.45
N GLY C 54 -12.36 24.82 -7.51
CA GLY C 54 -13.34 23.80 -7.82
C GLY C 54 -14.76 24.29 -7.97
N SER C 55 -14.97 25.61 -7.95
CA SER C 55 -16.31 26.18 -8.07
C SER C 55 -17.25 25.66 -6.99
N GLY C 56 -16.71 25.40 -5.79
CA GLY C 56 -17.49 24.89 -4.69
C GLY C 56 -17.88 25.92 -3.64
N THR C 57 -17.34 27.12 -3.71
CA THR C 57 -17.65 28.17 -2.74
C THR C 57 -17.72 29.51 -3.43
N ILE C 58 -18.67 30.34 -2.99
CA ILE C 58 -18.86 31.69 -3.50
C ILE C 58 -19.17 32.61 -2.33
N TYR C 59 -18.65 33.83 -2.40
CA TYR C 59 -18.79 34.79 -1.32
C TYR C 59 -19.00 36.19 -1.90
N TYR C 60 -19.73 37.01 -1.15
CA TYR C 60 -20.11 38.34 -1.61
C TYR C 60 -20.05 39.33 -0.45
N ALA C 61 -19.94 40.61 -0.82
CA ALA C 61 -20.01 41.69 0.17
C ALA C 61 -21.47 42.07 0.42
N ASP C 62 -21.68 42.86 1.47
CA ASP C 62 -23.04 43.26 1.84
C ASP C 62 -23.62 44.22 0.80
N THR C 63 -22.84 45.21 0.38
CA THR C 63 -23.38 46.28 -0.46
C THR C 63 -23.86 45.78 -1.82
N VAL C 64 -23.25 44.70 -2.34
CA VAL C 64 -23.58 44.23 -3.69
C VAL C 64 -23.99 42.76 -3.63
N LYS C 65 -24.59 42.34 -2.52
CA LYS C 65 -24.90 40.93 -2.34
C LYS C 65 -25.88 40.42 -3.39
N GLY C 66 -26.92 41.19 -3.67
CA GLY C 66 -28.04 40.69 -4.44
C GLY C 66 -28.03 40.97 -5.93
N ARG C 67 -27.09 41.77 -6.40
CA ARG C 67 -27.11 42.23 -7.78
C ARG C 67 -26.02 41.62 -8.66
N PHE C 68 -24.85 41.35 -8.11
CA PHE C 68 -23.69 40.96 -8.90
C PHE C 68 -23.51 39.45 -8.88
N THR C 69 -23.00 38.92 -10.00
CA THR C 69 -22.81 37.49 -10.18
C THR C 69 -21.46 37.25 -10.85
N ILE C 70 -20.93 36.04 -10.67
CA ILE C 70 -19.62 35.65 -11.19
C ILE C 70 -19.72 34.23 -11.73
N SER C 71 -18.88 33.94 -12.73
CA SER C 71 -18.85 32.62 -13.37
C SER C 71 -17.44 32.31 -13.83
N ARG C 72 -17.17 31.03 -14.08
CA ARG C 72 -15.86 30.56 -14.53
C ARG C 72 -16.06 29.58 -15.69
N ASP C 73 -15.08 29.55 -16.59
CA ASP C 73 -15.04 28.61 -17.72
C ASP C 73 -13.61 28.10 -17.82
N ASP C 74 -13.42 26.79 -17.55
CA ASP C 74 -12.07 26.23 -17.57
C ASP C 74 -11.57 26.02 -19.00
N PRO C 75 -12.27 25.27 -19.86
CA PRO C 75 -11.74 24.97 -21.23
C PRO C 75 -11.31 26.18 -22.04
N LYS C 76 -12.04 27.28 -21.92
CA LYS C 76 -11.74 28.49 -22.67
C LYS C 76 -10.78 29.42 -21.94
N ASN C 77 -10.45 29.13 -20.67
CA ASN C 77 -9.55 29.98 -19.89
C ASN C 77 -10.03 31.44 -19.90
N THR C 78 -11.28 31.64 -19.49
CA THR C 78 -11.89 32.95 -19.51
C THR C 78 -12.77 33.11 -18.29
N LEU C 79 -12.96 34.37 -17.87
CA LEU C 79 -13.75 34.71 -16.70
C LEU C 79 -14.76 35.78 -17.09
N PHE C 80 -15.91 35.76 -16.40
CA PHE C 80 -17.02 36.66 -16.72
C PHE C 80 -17.61 37.25 -15.45
N LEU C 81 -18.27 38.41 -15.61
CA LEU C 81 -18.91 39.11 -14.50
C LEU C 81 -20.11 39.87 -15.06
N GLN C 82 -21.24 39.83 -14.35
CA GLN C 82 -22.47 40.47 -14.78
C GLN C 82 -22.93 41.49 -13.73
N MET C 83 -23.51 42.59 -14.20
CA MET C 83 -24.02 43.66 -13.35
C MET C 83 -25.37 44.10 -13.86
N THR C 84 -26.21 44.64 -12.97
CA THR C 84 -27.51 45.17 -13.32
C THR C 84 -27.97 46.18 -12.29
N SER C 85 -28.90 47.05 -12.68
CA SER C 85 -29.48 48.07 -11.81
C SER C 85 -28.39 48.97 -11.23
N LEU C 86 -27.74 49.69 -12.13
CA LEU C 86 -26.64 50.57 -11.74
C LEU C 86 -27.16 51.80 -11.01
N ARG C 87 -26.29 52.41 -10.20
CA ARG C 87 -26.60 53.64 -9.49
C ARG C 87 -25.50 54.66 -9.73
N SER C 88 -25.72 55.88 -9.23
CA SER C 88 -24.80 56.98 -9.47
C SER C 88 -23.49 56.85 -8.69
N GLU C 89 -23.44 55.99 -7.67
CA GLU C 89 -22.26 55.85 -6.83
C GLU C 89 -21.42 54.63 -7.19
N ASP C 90 -21.33 54.28 -8.47
CA ASP C 90 -20.59 53.12 -8.91
C ASP C 90 -19.50 53.47 -9.92
N THR C 91 -18.95 54.68 -9.87
CA THR C 91 -17.82 55.04 -10.71
C THR C 91 -16.53 54.58 -10.04
N ALA C 92 -15.84 53.62 -10.66
CA ALA C 92 -14.67 53.03 -10.05
C ALA C 92 -13.86 52.30 -11.11
N MET C 93 -12.61 51.99 -10.77
CA MET C 93 -11.72 51.19 -11.60
C MET C 93 -11.46 49.87 -10.91
N TYR C 94 -11.38 48.79 -11.69
CA TYR C 94 -11.42 47.43 -11.16
C TYR C 94 -10.11 46.71 -11.48
N TYR C 95 -9.82 45.67 -10.70
CA TYR C 95 -8.59 44.90 -10.82
C TYR C 95 -8.87 43.43 -10.52
N CYS C 96 -7.92 42.56 -10.88
CA CYS C 96 -8.03 41.13 -10.69
C CYS C 96 -6.76 40.60 -10.04
N VAL C 97 -6.89 39.54 -9.24
CA VAL C 97 -5.78 38.93 -8.52
C VAL C 97 -5.93 37.41 -8.54
N ARG C 98 -4.85 36.72 -8.21
CA ARG C 98 -4.83 35.27 -8.13
C ARG C 98 -4.35 34.83 -6.74
N SER C 99 -4.56 33.55 -6.43
CA SER C 99 -4.14 33.02 -5.14
C SER C 99 -4.04 31.50 -5.20
N ILE C 100 -3.27 30.93 -4.26
CA ILE C 100 -3.12 29.49 -4.09
C ILE C 100 -2.69 29.23 -2.65
N TYR C 101 -3.01 28.03 -2.14
CA TYR C 101 -2.80 27.69 -0.73
C TYR C 101 -2.18 26.31 -0.60
N TYR C 102 -1.11 26.22 0.19
CA TYR C 102 -0.68 24.97 0.81
C TYR C 102 0.48 25.31 1.74
N TYR C 103 0.93 24.30 2.48
CA TYR C 103 1.97 24.51 3.49
C TYR C 103 3.15 25.26 2.90
N GLY C 104 3.39 26.47 3.41
CA GLY C 104 4.50 27.30 2.98
C GLY C 104 4.27 28.10 1.71
N SER C 105 3.03 28.21 1.25
CA SER C 105 2.75 28.88 -0.01
C SER C 105 2.61 30.39 0.20
N SER C 106 2.74 31.14 -0.90
CA SER C 106 2.57 32.59 -0.91
C SER C 106 1.31 32.95 -1.68
N PRO C 107 0.23 33.37 -1.01
CA PRO C 107 -1.05 33.52 -1.74
C PRO C 107 -1.04 34.53 -2.88
N PHE C 108 -0.73 35.79 -2.62
CA PHE C 108 -0.89 36.87 -3.61
C PHE C 108 0.47 37.21 -4.21
N ASP C 109 0.56 37.16 -5.54
CA ASP C 109 1.82 37.45 -6.22
C ASP C 109 1.69 38.38 -7.42
N PHE C 110 0.53 38.41 -8.08
CA PHE C 110 0.39 39.06 -9.38
C PHE C 110 -0.80 40.01 -9.38
N TRP C 111 -0.69 41.09 -10.15
CA TRP C 111 -1.78 42.05 -10.37
C TRP C 111 -1.79 42.47 -11.84
N GLY C 112 -2.96 42.90 -12.31
CA GLY C 112 -3.11 43.37 -13.68
C GLY C 112 -3.69 44.77 -13.75
N GLN C 113 -3.92 45.21 -14.98
CA GLN C 113 -4.51 46.52 -15.23
C GLN C 113 -6.03 46.47 -15.05
N GLY C 114 -6.69 47.57 -15.37
CA GLY C 114 -8.12 47.70 -15.22
C GLY C 114 -8.74 48.49 -16.37
N THR C 115 -10.07 48.57 -16.33
CA THR C 115 -10.86 49.33 -17.29
C THR C 115 -11.76 50.31 -16.55
N THR C 116 -12.07 51.43 -17.18
CA THR C 116 -12.81 52.50 -16.53
C THR C 116 -14.28 52.46 -16.93
N LEU C 117 -15.14 52.85 -15.99
CA LEU C 117 -16.58 52.90 -16.20
C LEU C 117 -17.11 54.23 -15.68
N THR C 118 -18.13 54.76 -16.36
CA THR C 118 -18.72 56.05 -16.03
C THR C 118 -20.24 55.93 -15.98
N VAL C 119 -20.84 56.50 -14.94
CA VAL C 119 -22.29 56.53 -14.77
C VAL C 119 -22.68 57.97 -14.48
N SER C 120 -23.66 58.48 -15.22
CA SER C 120 -24.14 59.84 -15.01
C SER C 120 -25.53 60.02 -15.59
N GLY C 135 -16.87 44.66 10.47
CA GLY C 135 -16.13 44.04 11.53
C GLY C 135 -14.94 44.85 11.88
N SER C 136 -13.77 44.24 11.94
CA SER C 136 -12.57 44.93 12.38
C SER C 136 -12.25 46.25 11.73
N ASP C 137 -11.67 47.17 12.47
CA ASP C 137 -11.30 48.49 11.95
C ASP C 137 -9.80 48.46 11.94
N ILE C 138 -9.14 49.17 11.04
CA ILE C 138 -7.68 49.18 10.93
C ILE C 138 -7.37 50.65 10.86
N VAL C 139 -6.29 51.12 11.50
CA VAL C 139 -6.02 52.57 11.64
C VAL C 139 -4.58 53.03 11.54
N MET C 140 -4.31 54.04 10.71
CA MET C 140 -2.98 54.60 10.59
C MET C 140 -3.10 56.09 10.27
N THR C 141 -2.13 56.90 10.69
CA THR C 141 -2.18 58.37 10.52
C THR C 141 -0.88 58.84 9.86
N GLN C 142 -0.36 60.03 10.17
CA GLN C 142 0.91 60.52 9.65
C GLN C 142 0.82 60.48 8.15
N ALA C 143 -0.13 61.24 7.60
CA ALA C 143 -0.38 61.18 6.17
C ALA C 143 0.85 61.52 5.34
N THR C 144 1.59 62.56 5.73
CA THR C 144 2.72 63.05 4.96
C THR C 144 3.95 63.22 5.84
N SER C 145 5.12 63.11 5.22
CA SER C 145 6.38 63.27 5.91
C SER C 145 7.43 63.76 4.91
N SER C 146 8.46 64.43 5.44
CA SER C 146 9.56 64.95 4.63
C SER C 146 10.70 63.95 4.63
N VAL C 147 11.35 63.80 3.48
CA VAL C 147 12.43 62.82 3.31
C VAL C 147 13.58 63.43 2.52
N PRO C 148 14.78 63.55 3.10
CA PRO C 148 15.95 63.88 2.29
C PRO C 148 16.38 62.70 1.43
N VAL C 149 17.28 63.00 0.48
CA VAL C 149 17.77 61.97 -0.43
C VAL C 149 19.09 61.37 0.01
N THR C 150 19.63 61.79 1.16
CA THR C 150 20.92 61.29 1.61
C THR C 150 20.80 59.80 1.96
N PRO C 151 21.81 58.97 1.62
CA PRO C 151 21.69 57.54 1.91
C PRO C 151 21.50 57.23 3.38
N GLY C 152 22.07 58.02 4.28
CA GLY C 152 21.97 57.72 5.70
C GLY C 152 20.56 57.85 6.23
N GLU C 153 19.69 58.53 5.48
CA GLU C 153 18.33 58.76 5.95
C GLU C 153 17.59 57.43 6.14
N SER C 154 16.83 57.35 7.23
CA SER C 154 16.02 56.18 7.52
C SER C 154 14.63 56.64 7.96
N VAL C 155 13.62 55.83 7.64
CA VAL C 155 12.23 56.14 7.95
C VAL C 155 11.57 54.90 8.54
N SER C 156 10.46 55.13 9.23
CA SER C 156 9.68 54.06 9.83
C SER C 156 8.22 54.45 9.84
N ILE C 157 7.35 53.43 9.85
CA ILE C 157 5.90 53.63 9.85
C ILE C 157 5.30 52.68 10.87
N SER C 158 4.08 53.01 11.31
CA SER C 158 3.39 52.23 12.34
C SER C 158 1.92 52.10 11.97
N CYS C 159 1.26 51.13 12.61
CA CYS C 159 -0.16 50.92 12.42
C CYS C 159 -0.72 50.19 13.65
N ARG C 160 -2.04 50.22 13.79
CA ARG C 160 -2.70 49.63 14.94
C ARG C 160 -3.96 48.90 14.50
N SER C 161 -4.45 48.02 15.37
CA SER C 161 -5.64 47.24 15.12
C SER C 161 -6.54 47.30 16.35
N SER C 162 -7.72 46.67 16.23
CA SER C 162 -8.72 46.69 17.29
C SER C 162 -9.00 45.32 17.87
N LYS C 163 -8.26 44.30 17.44
CA LYS C 163 -8.46 42.95 17.96
C LYS C 163 -7.15 42.17 17.81
N SER C 164 -7.02 41.11 18.61
CA SER C 164 -5.85 40.25 18.57
C SER C 164 -5.94 39.32 17.36
N LEU C 165 -4.86 39.29 16.59
CA LEU C 165 -4.78 38.46 15.39
C LEU C 165 -4.10 37.12 15.65
N LEU C 166 -3.53 36.90 16.83
CA LEU C 166 -2.80 35.68 17.10
C LEU C 166 -3.75 34.51 17.26
N HIS C 167 -3.37 33.36 16.70
CA HIS C 167 -4.15 32.14 16.77
C HIS C 167 -3.39 31.08 17.56
N SER C 168 -4.13 30.06 18.02
CA SER C 168 -3.53 28.99 18.80
C SER C 168 -2.42 28.28 18.03
N ASN C 169 -2.50 28.25 16.70
CA ASN C 169 -1.47 27.59 15.92
C ASN C 169 -0.12 28.28 16.12
N GLY C 170 -0.10 29.61 16.11
CA GLY C 170 1.11 30.35 16.37
C GLY C 170 1.53 31.27 15.23
N ASN C 171 0.67 31.39 14.22
CA ASN C 171 0.96 32.23 13.06
C ASN C 171 0.23 33.56 13.17
N THR C 172 0.83 34.59 12.57
CA THR C 172 0.26 35.94 12.54
C THR C 172 0.13 36.37 11.09
N TYR C 173 -1.01 36.97 10.75
CA TYR C 173 -1.32 37.33 9.37
C TYR C 173 -1.32 38.86 9.22
N LEU C 174 -0.35 39.34 8.44
CA LEU C 174 -0.23 40.76 8.13
C LEU C 174 0.55 40.92 6.83
N TYR C 175 0.16 41.89 6.02
CA TYR C 175 0.75 42.09 4.70
C TYR C 175 0.98 43.57 4.44
N TRP C 176 1.83 43.85 3.45
CA TRP C 176 2.18 45.22 3.08
C TRP C 176 2.18 45.33 1.56
N PHE C 177 1.99 46.55 1.06
CA PHE C 177 1.99 46.83 -0.37
C PHE C 177 2.56 48.22 -0.62
N LEU C 178 3.01 48.44 -1.86
CA LEU C 178 3.56 49.73 -2.27
C LEU C 178 3.09 50.04 -3.69
N GLN C 179 2.78 51.31 -3.95
CA GLN C 179 2.34 51.76 -5.25
C GLN C 179 3.15 52.97 -5.70
N ARG C 180 3.36 53.09 -7.01
CA ARG C 180 4.08 54.20 -7.61
C ARG C 180 3.21 54.91 -8.63
N PRO C 181 3.59 56.13 -9.03
CA PRO C 181 2.76 56.89 -9.98
C PRO C 181 2.55 56.11 -11.27
N GLY C 182 1.31 56.10 -11.74
CA GLY C 182 1.00 55.49 -13.03
C GLY C 182 1.42 54.04 -13.14
N GLN C 183 1.25 53.27 -12.06
CA GLN C 183 1.61 51.86 -12.07
C GLN C 183 0.83 51.13 -10.99
N SER C 184 0.70 49.82 -11.16
CA SER C 184 -0.08 49.02 -10.23
C SER C 184 0.72 48.74 -8.95
N PRO C 185 0.05 48.38 -7.87
CA PRO C 185 0.76 48.08 -6.62
C PRO C 185 1.67 46.87 -6.74
N GLN C 186 2.39 46.59 -5.67
CA GLN C 186 3.34 45.49 -5.62
C GLN C 186 3.42 44.95 -4.19
N LEU C 187 3.86 43.70 -4.08
CA LEU C 187 3.94 43.00 -2.80
C LEU C 187 5.38 42.99 -2.30
N LEU C 188 5.56 43.20 -1.00
CA LEU C 188 6.88 43.19 -0.37
C LEU C 188 7.05 42.09 0.66
N ILE C 189 6.15 42.01 1.65
CA ILE C 189 6.33 41.16 2.82
C ILE C 189 5.01 40.48 3.14
N TYR C 190 5.08 39.24 3.64
CA TYR C 190 3.91 38.49 4.03
C TYR C 190 4.16 37.81 5.39
N ARG C 191 3.09 37.69 6.16
CA ARG C 191 3.12 37.04 7.48
C ARG C 191 4.14 37.72 8.40
N MET C 192 4.38 39.01 8.16
CA MET C 192 5.02 39.89 9.13
C MET C 192 6.50 39.63 9.30
N SER C 193 7.04 38.57 8.69
CA SER C 193 8.44 38.21 8.88
C SER C 193 9.11 37.67 7.62
N ASN C 194 8.42 37.64 6.49
CA ASN C 194 8.93 37.01 5.28
C ASN C 194 9.07 38.02 4.16
N LEU C 195 10.13 37.87 3.38
CA LEU C 195 10.41 38.74 2.24
C LEU C 195 10.07 38.02 0.94
N ALA C 196 9.69 38.79 -0.07
CA ALA C 196 9.41 38.21 -1.37
C ALA C 196 10.72 37.83 -2.07
N SER C 197 10.58 37.10 -3.18
CA SER C 197 11.74 36.55 -3.86
C SER C 197 12.65 37.64 -4.39
N GLY C 198 12.09 38.59 -5.13
CA GLY C 198 12.89 39.57 -5.84
C GLY C 198 13.12 40.89 -5.14
N VAL C 199 12.51 41.11 -3.98
CA VAL C 199 12.68 42.40 -3.29
C VAL C 199 14.09 42.49 -2.74
N PRO C 200 14.74 43.66 -2.78
CA PRO C 200 16.05 43.80 -2.15
C PRO C 200 15.97 43.48 -0.66
N ASP C 201 17.15 43.34 -0.05
CA ASP C 201 17.28 42.96 1.35
C ASP C 201 17.35 44.17 2.29
N ARG C 202 17.26 45.39 1.76
CA ARG C 202 17.31 46.56 2.64
C ARG C 202 16.11 46.60 3.58
N PHE C 203 14.94 46.19 3.10
CA PHE C 203 13.72 46.30 3.89
C PHE C 203 13.74 45.32 5.05
N SER C 204 13.09 45.71 6.14
CA SER C 204 12.95 44.86 7.32
C SER C 204 11.64 45.20 8.01
N GLY C 205 11.14 44.24 8.78
CA GLY C 205 9.86 44.43 9.46
C GLY C 205 9.77 43.63 10.73
N SER C 206 8.90 44.09 11.63
CA SER C 206 8.67 43.43 12.91
C SER C 206 7.35 43.94 13.48
N GLY C 207 6.95 43.37 14.60
CA GLY C 207 5.70 43.77 15.22
C GLY C 207 5.49 43.03 16.53
N SER C 208 4.29 43.21 17.07
CA SER C 208 3.92 42.64 18.36
C SER C 208 2.47 42.16 18.26
N GLY C 209 1.86 41.88 19.42
CA GLY C 209 0.51 41.33 19.42
C GLY C 209 -0.50 42.23 18.73
N THR C 210 -0.47 43.54 19.03
CA THR C 210 -1.42 44.46 18.44
C THR C 210 -0.73 45.72 17.91
N ALA C 211 0.59 45.70 17.74
CA ALA C 211 1.32 46.83 17.20
C ALA C 211 2.38 46.31 16.23
N PHE C 212 2.52 46.99 15.10
CA PHE C 212 3.44 46.57 14.06
C PHE C 212 4.21 47.78 13.54
N THR C 213 5.40 47.51 12.99
CA THR C 213 6.29 48.56 12.54
C THR C 213 7.05 48.09 11.31
N LEU C 214 7.56 49.07 10.55
CA LEU C 214 8.37 48.82 9.37
C LEU C 214 9.59 49.73 9.41
N THR C 215 10.69 49.26 8.82
CA THR C 215 11.95 49.99 8.81
C THR C 215 12.55 49.95 7.41
N ILE C 216 13.15 51.06 6.99
CA ILE C 216 13.86 51.16 5.73
C ILE C 216 15.20 51.85 5.98
N SER C 217 16.24 51.34 5.34
CA SER C 217 17.58 51.89 5.47
C SER C 217 18.22 52.01 4.09
N ARG C 218 19.17 52.92 3.97
CA ARG C 218 19.86 53.17 2.71
C ARG C 218 18.87 53.55 1.61
N LEU C 219 18.20 54.68 1.80
CA LEU C 219 17.18 55.12 0.84
C LEU C 219 17.83 55.46 -0.50
N GLU C 220 17.07 55.28 -1.57
CA GLU C 220 17.47 55.70 -2.90
C GLU C 220 16.25 56.33 -3.57
N ALA C 221 16.49 56.92 -4.74
CA ALA C 221 15.45 57.74 -5.37
C ALA C 221 14.21 56.92 -5.70
N GLU C 222 14.38 55.67 -6.13
CA GLU C 222 13.26 54.89 -6.62
C GLU C 222 12.26 54.54 -5.51
N ASP C 223 12.63 54.74 -4.25
CA ASP C 223 11.82 54.23 -3.15
C ASP C 223 10.50 54.99 -3.00
N VAL C 224 10.44 56.24 -3.45
CA VAL C 224 9.26 57.07 -3.20
C VAL C 224 8.00 56.34 -3.64
N GLY C 225 6.96 56.39 -2.81
CA GLY C 225 5.71 55.71 -3.13
C GLY C 225 4.75 55.79 -1.96
N VAL C 226 3.63 55.07 -2.11
CA VAL C 226 2.56 55.03 -1.12
C VAL C 226 2.41 53.59 -0.65
N TYR C 227 1.97 53.40 0.60
CA TYR C 227 1.97 52.09 1.25
C TYR C 227 0.59 51.75 1.81
N TYR C 228 0.35 50.46 2.02
CA TYR C 228 -0.93 49.98 2.52
C TYR C 228 -0.73 48.70 3.33
N CYS C 229 -1.81 48.27 4.00
CA CYS C 229 -1.79 47.08 4.83
C CYS C 229 -3.15 46.38 4.76
N MET C 230 -3.19 45.12 5.21
CA MET C 230 -4.39 44.31 5.14
C MET C 230 -4.34 43.22 6.20
N GLN C 231 -5.52 42.71 6.57
CA GLN C 231 -5.67 41.64 7.54
C GLN C 231 -6.45 40.48 6.91
N HIS C 232 -6.13 39.25 7.32
CA HIS C 232 -6.69 38.05 6.70
C HIS C 232 -7.05 36.99 7.75
N LEU C 233 -7.72 37.37 8.82
CA LEU C 233 -8.18 36.40 9.82
C LEU C 233 -9.62 35.96 9.64
N GLU C 234 -10.57 36.90 9.61
CA GLU C 234 -11.97 36.55 9.37
C GLU C 234 -12.32 37.01 7.96
N TYR C 235 -13.19 36.24 7.31
CA TYR C 235 -13.37 36.39 5.87
C TYR C 235 -13.68 37.82 5.46
N PRO C 236 -14.57 38.55 6.14
CA PRO C 236 -14.77 39.97 5.78
C PRO C 236 -13.45 40.73 5.84
N LEU C 237 -13.01 41.21 4.67
CA LEU C 237 -11.70 41.85 4.55
C LEU C 237 -11.86 43.37 4.56
N THR C 238 -10.95 44.04 5.25
CA THR C 238 -10.95 45.49 5.36
C THR C 238 -9.55 46.00 5.08
N PHE C 239 -9.47 47.24 4.58
CA PHE C 239 -8.20 47.86 4.21
C PHE C 239 -8.05 49.20 4.94
N GLY C 240 -6.79 49.64 5.05
CA GLY C 240 -6.51 50.95 5.57
C GLY C 240 -6.37 51.98 4.47
N ALA C 241 -6.23 53.24 4.88
CA ALA C 241 -5.91 54.33 3.96
C ALA C 241 -4.41 54.56 4.00
N GLY C 242 -3.83 54.81 2.84
CA GLY C 242 -2.38 54.91 2.75
C GLY C 242 -1.87 56.26 3.20
N THR C 243 -0.54 56.34 3.32
CA THR C 243 0.17 57.52 3.79
C THR C 243 1.18 57.94 2.73
N LYS C 244 1.34 59.24 2.54
CA LYS C 244 2.29 59.75 1.57
C LYS C 244 3.70 59.77 2.15
N LEU C 245 4.68 59.97 1.26
CA LEU C 245 6.07 60.10 1.66
C LEU C 245 6.79 60.94 0.61
N ILE D 8 50.09 -12.24 -15.30
CA ILE D 8 51.29 -11.77 -14.66
C ILE D 8 51.00 -10.43 -13.97
N ALA D 9 50.15 -9.62 -14.60
CA ALA D 9 49.85 -8.30 -14.06
C ALA D 9 49.01 -8.39 -12.79
N GLN D 10 48.13 -9.38 -12.70
CA GLN D 10 47.26 -9.51 -11.53
C GLN D 10 48.08 -9.70 -10.27
N ALA D 11 49.09 -10.58 -10.33
CA ALA D 11 49.94 -10.82 -9.17
C ALA D 11 50.71 -9.56 -8.77
N ARG D 12 51.21 -8.82 -9.77
CA ARG D 12 51.92 -7.59 -9.47
C ARG D 12 51.01 -6.59 -8.77
N LYS D 13 49.78 -6.46 -9.25
CA LYS D 13 48.83 -5.55 -8.63
C LYS D 13 48.53 -5.97 -7.20
N LEU D 14 48.34 -7.28 -6.98
CA LEU D 14 48.08 -7.78 -5.64
C LEU D 14 49.25 -7.49 -4.71
N VAL D 15 50.47 -7.69 -5.19
CA VAL D 15 51.65 -7.43 -4.38
C VAL D 15 51.75 -5.96 -4.02
N GLU D 16 51.47 -5.09 -4.99
CA GLU D 16 51.49 -3.65 -4.72
C GLU D 16 50.45 -3.26 -3.68
N GLN D 17 49.24 -3.80 -3.81
CA GLN D 17 48.18 -3.53 -2.84
C GLN D 17 48.59 -3.98 -1.45
N LEU D 18 49.13 -5.20 -1.35
CA LEU D 18 49.54 -5.74 -0.06
C LEU D 18 50.64 -4.89 0.56
N LYS D 19 51.59 -4.45 -0.25
CA LYS D 19 52.65 -3.58 0.26
C LYS D 19 52.07 -2.26 0.78
N MET D 20 51.10 -1.70 0.05
CA MET D 20 50.52 -0.43 0.48
C MET D 20 49.75 -0.59 1.78
N GLU D 21 49.14 -1.75 1.99
CA GLU D 21 48.24 -1.93 3.15
C GLU D 21 49.00 -1.97 4.47
N ALA D 22 50.25 -2.43 4.49
CA ALA D 22 50.87 -2.90 5.73
C ALA D 22 51.58 -1.80 6.55
N ASN D 23 51.27 -0.51 6.52
CA ASN D 23 52.00 0.49 7.30
C ASN D 23 51.09 1.45 8.06
N ILE D 24 50.10 0.93 8.79
CA ILE D 24 49.23 1.79 9.58
C ILE D 24 49.60 1.68 11.06
N ASP D 25 49.31 2.74 11.81
CA ASP D 25 49.53 2.73 13.25
C ASP D 25 48.41 1.98 13.96
N ARG D 26 48.67 1.61 15.21
CA ARG D 26 47.73 0.79 15.97
C ARG D 26 47.76 1.23 17.44
N ILE D 27 46.68 0.87 18.15
CA ILE D 27 46.56 1.08 19.59
C ILE D 27 45.98 -0.19 20.20
N LYS D 28 46.01 -0.24 21.54
CA LYS D 28 45.48 -1.38 22.25
C LYS D 28 43.98 -1.21 22.50
N VAL D 29 43.28 -2.34 22.64
CA VAL D 29 41.83 -2.31 22.80
C VAL D 29 41.44 -1.75 24.15
N SER D 30 42.30 -1.90 25.16
CA SER D 30 41.98 -1.41 26.48
C SER D 30 41.71 0.09 26.46
N LYS D 31 42.55 0.84 25.74
CA LYS D 31 42.31 2.27 25.59
C LYS D 31 41.00 2.55 24.86
N ALA D 32 40.72 1.80 23.79
CA ALA D 32 39.53 2.08 22.98
C ALA D 32 38.25 1.82 23.77
N ALA D 33 38.29 0.86 24.70
CA ALA D 33 37.07 0.44 25.39
C ALA D 33 36.42 1.58 26.18
N ALA D 34 37.19 2.60 26.58
CA ALA D 34 36.66 3.59 27.51
C ALA D 34 35.96 4.74 26.79
N ASP D 35 36.30 4.99 25.54
CA ASP D 35 35.73 6.14 24.83
C ASP D 35 34.22 5.97 24.66
N LEU D 36 33.77 4.77 24.31
CA LEU D 36 32.33 4.53 24.19
C LEU D 36 31.62 4.71 25.53
N MET D 37 32.21 4.22 26.61
CA MET D 37 31.60 4.41 27.93
C MET D 37 31.47 5.89 28.26
N ALA D 38 32.53 6.67 28.03
CA ALA D 38 32.46 8.10 28.30
C ALA D 38 31.41 8.78 27.44
N TYR D 39 31.35 8.45 26.15
CA TYR D 39 30.38 9.08 25.26
C TYR D 39 28.96 8.75 25.67
N CYS D 40 28.71 7.48 26.03
CA CYS D 40 27.38 7.09 26.47
C CYS D 40 26.99 7.78 27.77
N GLU D 41 27.93 7.92 28.71
CA GLU D 41 27.62 8.59 29.96
C GLU D 41 27.36 10.09 29.74
N ALA D 42 28.05 10.70 28.78
CA ALA D 42 27.96 12.14 28.60
C ALA D 42 26.57 12.62 28.20
N HIS D 43 25.89 11.91 27.30
CA HIS D 43 24.69 12.43 26.66
C HIS D 43 23.42 11.65 27.04
N ALA D 44 23.22 11.34 28.32
CA ALA D 44 22.10 10.50 28.72
C ALA D 44 20.84 11.30 29.06
N LYS D 45 20.95 12.63 29.22
CA LYS D 45 19.83 13.41 29.73
C LYS D 45 18.90 13.93 28.65
N GLU D 46 19.24 13.80 27.36
CA GLU D 46 18.39 14.27 26.27
C GLU D 46 18.10 13.13 25.30
N ASP D 47 17.70 11.98 25.83
CA ASP D 47 17.29 10.83 25.02
C ASP D 47 15.82 10.55 25.33
N PRO D 48 14.90 11.09 24.52
CA PRO D 48 13.47 10.85 24.80
C PRO D 48 13.07 9.39 24.81
N LEU D 49 13.64 8.56 23.93
CA LEU D 49 13.30 7.14 23.91
C LEU D 49 13.79 6.40 25.14
N LEU D 50 14.91 6.84 25.72
CA LEU D 50 15.42 6.23 26.94
C LEU D 50 14.70 6.72 28.18
N THR D 51 14.24 7.97 28.19
CA THR D 51 13.54 8.57 29.32
C THR D 51 12.26 9.22 28.84
N PRO D 52 11.10 8.65 29.13
CA PRO D 52 9.83 9.28 28.76
C PRO D 52 9.78 10.75 29.13
N VAL D 53 8.83 11.45 28.52
CA VAL D 53 8.61 12.88 28.70
C VAL D 53 7.16 13.15 29.06
N PRO D 54 6.88 14.31 29.68
CA PRO D 54 5.50 14.61 30.08
C PRO D 54 4.56 14.67 28.89
N ALA D 55 3.31 14.27 29.12
CA ALA D 55 2.34 14.18 28.04
C ALA D 55 2.03 15.54 27.41
N SER D 56 2.14 16.62 28.19
CA SER D 56 1.73 17.93 27.71
C SER D 56 2.55 18.36 26.49
N GLU D 57 3.86 18.12 26.51
CA GLU D 57 4.75 18.59 25.47
C GLU D 57 4.86 17.64 24.28
N ASN D 58 4.14 16.53 24.29
CA ASN D 58 4.24 15.57 23.19
C ASN D 58 3.43 16.07 21.99
N PRO D 59 4.08 16.35 20.85
CA PRO D 59 3.29 16.76 19.67
C PRO D 59 2.35 15.67 19.16
N PHE D 60 2.69 14.40 19.38
CA PHE D 60 1.97 13.29 18.77
C PHE D 60 0.79 12.80 19.60
N ARG D 61 0.47 13.47 20.70
CA ARG D 61 -0.64 13.05 21.54
C ARG D 61 -1.92 12.90 20.72
N VAL E 43 -36.59 -41.62 27.08
CA VAL E 43 -37.03 -40.34 26.53
C VAL E 43 -36.02 -39.24 26.87
N PRO E 44 -35.82 -38.96 28.16
CA PRO E 44 -34.81 -37.93 28.51
C PRO E 44 -33.41 -38.27 28.06
N VAL E 45 -33.06 -39.57 28.00
CA VAL E 45 -31.74 -39.96 27.53
C VAL E 45 -31.54 -39.51 26.09
N LEU E 46 -32.58 -39.64 25.27
CA LEU E 46 -32.50 -39.17 23.89
C LEU E 46 -32.28 -37.66 23.85
N TYR E 47 -32.95 -36.91 24.74
CA TYR E 47 -32.83 -35.46 24.72
C TYR E 47 -31.46 -34.98 25.19
N LEU E 48 -30.83 -35.72 26.11
CA LEU E 48 -29.50 -35.32 26.58
C LEU E 48 -28.46 -35.33 25.47
N LEU E 49 -28.49 -36.38 24.63
CA LEU E 49 -27.42 -36.61 23.67
C LEU E 49 -27.34 -35.48 22.64
N VAL E 50 -28.49 -35.02 22.15
CA VAL E 50 -28.47 -34.01 21.10
C VAL E 50 -27.82 -32.73 21.61
N CYS E 51 -28.19 -32.28 22.82
CA CYS E 51 -27.56 -31.09 23.39
C CYS E 51 -26.08 -31.31 23.66
N ALA E 52 -25.72 -32.49 24.19
CA ALA E 52 -24.32 -32.75 24.50
C ALA E 52 -23.46 -32.68 23.25
N ALA E 53 -23.94 -33.26 22.16
CA ALA E 53 -23.21 -33.19 20.89
C ALA E 53 -23.19 -31.77 20.33
N GLY E 54 -24.32 -31.07 20.40
CA GLY E 54 -24.43 -29.78 19.75
C GLY E 54 -23.59 -28.69 20.39
N LEU E 55 -23.48 -28.70 21.72
CA LEU E 55 -22.89 -27.56 22.41
C LEU E 55 -21.45 -27.24 22.00
N GLY E 56 -20.58 -28.25 21.88
CA GLY E 56 -19.16 -27.97 21.75
C GLY E 56 -18.74 -27.56 20.35
N GLY E 57 -19.44 -28.06 19.33
CA GLY E 57 -19.00 -27.83 17.97
C GLY E 57 -18.99 -26.35 17.60
N ASN E 58 -20.07 -25.63 17.95
CA ASN E 58 -20.12 -24.21 17.66
C ASN E 58 -19.07 -23.43 18.42
N THR E 59 -18.85 -23.77 19.69
CA THR E 59 -17.87 -23.06 20.50
C THR E 59 -16.47 -23.22 19.89
N LEU E 60 -16.14 -24.43 19.44
CA LEU E 60 -14.85 -24.66 18.82
C LEU E 60 -14.59 -23.63 17.71
N VAL E 61 -15.48 -23.57 16.72
CA VAL E 61 -15.26 -22.73 15.56
C VAL E 61 -15.34 -21.25 15.94
N ILE E 62 -16.27 -20.89 16.82
CA ILE E 62 -16.44 -19.48 17.15
C ILE E 62 -15.22 -18.95 17.89
N TYR E 63 -14.60 -19.76 18.75
CA TYR E 63 -13.39 -19.29 19.43
C TYR E 63 -12.17 -19.38 18.52
N VAL E 64 -12.16 -20.30 17.55
CA VAL E 64 -11.05 -20.34 16.61
C VAL E 64 -11.05 -19.13 15.70
N VAL E 65 -12.24 -18.65 15.30
CA VAL E 65 -12.33 -17.58 14.32
C VAL E 65 -11.62 -16.33 14.82
N LEU E 66 -11.86 -15.93 16.06
CA LEU E 66 -11.35 -14.65 16.56
C LEU E 66 -9.83 -14.61 16.63
N ARG E 67 -9.20 -15.67 17.13
CA ARG E 67 -7.78 -15.62 17.42
C ARG E 67 -6.91 -15.68 16.17
N PHE E 68 -7.21 -16.59 15.25
CA PHE E 68 -6.40 -16.81 14.06
C PHE E 68 -6.98 -16.18 12.81
N ALA E 69 -8.23 -16.49 12.49
CA ALA E 69 -8.88 -15.94 11.29
C ALA E 69 -9.55 -14.61 11.60
N LYS E 70 -8.72 -13.58 11.74
CA LYS E 70 -9.24 -12.25 12.00
C LYS E 70 -10.13 -11.78 10.85
N MET E 71 -11.21 -11.10 11.20
CA MET E 71 -12.18 -10.63 10.22
C MET E 71 -11.56 -9.52 9.38
N LYS E 72 -11.24 -9.83 8.13
CA LYS E 72 -10.71 -8.85 7.21
C LYS E 72 -11.27 -9.00 5.79
N THR E 73 -12.23 -9.90 5.60
CA THR E 73 -12.85 -10.11 4.29
C THR E 73 -14.33 -10.38 4.47
N VAL E 74 -15.08 -10.19 3.39
CA VAL E 74 -16.54 -10.34 3.45
C VAL E 74 -16.91 -11.77 3.81
N THR E 75 -16.17 -12.74 3.26
CA THR E 75 -16.53 -14.15 3.44
C THR E 75 -16.54 -14.54 4.91
N ASN E 76 -15.76 -13.85 5.74
CA ASN E 76 -15.60 -14.26 7.13
C ASN E 76 -16.68 -13.72 8.06
N ILE E 77 -17.67 -13.01 7.52
CA ILE E 77 -18.68 -12.36 8.36
C ILE E 77 -19.93 -13.21 8.57
N TYR E 78 -20.43 -13.87 7.52
CA TYR E 78 -21.69 -14.60 7.63
C TYR E 78 -21.53 -15.82 8.53
N ILE E 79 -20.37 -16.47 8.47
CA ILE E 79 -20.09 -17.60 9.36
C ILE E 79 -20.16 -17.17 10.81
N LEU E 80 -19.81 -15.92 11.11
CA LEU E 80 -19.92 -15.40 12.47
C LEU E 80 -21.37 -15.41 12.94
N ASN E 81 -22.28 -14.91 12.11
CA ASN E 81 -23.69 -14.85 12.50
C ASN E 81 -24.31 -16.24 12.58
N LEU E 82 -23.93 -17.13 11.66
CA LEU E 82 -24.52 -18.46 11.63
C LEU E 82 -24.27 -19.20 12.94
N ALA E 83 -23.02 -19.16 13.42
CA ALA E 83 -22.69 -19.86 14.66
C ALA E 83 -23.46 -19.30 15.85
N VAL E 84 -23.56 -17.97 15.94
CA VAL E 84 -24.30 -17.36 17.05
C VAL E 84 -25.76 -17.79 17.00
N ALA E 85 -26.37 -17.74 15.82
CA ALA E 85 -27.77 -18.14 15.69
C ALA E 85 -27.96 -19.59 16.13
N ASP E 86 -27.11 -20.50 15.64
CA ASP E 86 -27.27 -21.91 15.98
C ASP E 86 -27.08 -22.14 17.48
N VAL E 87 -26.04 -21.55 18.07
CA VAL E 87 -25.78 -21.80 19.49
C VAL E 87 -26.89 -21.22 20.34
N LEU E 88 -27.45 -20.07 19.96
CA LEU E 88 -28.54 -19.50 20.74
C LEU E 88 -29.83 -20.32 20.58
N TYR E 89 -30.06 -20.90 19.40
CA TYR E 89 -31.21 -21.77 19.22
C TYR E 89 -31.07 -23.07 20.01
N MET E 90 -29.83 -23.52 20.23
CA MET E 90 -29.66 -24.86 20.80
C MET E 90 -30.12 -24.98 22.25
N LEU E 91 -30.53 -23.88 22.89
CA LEU E 91 -30.81 -23.89 24.33
C LEU E 91 -32.24 -24.32 24.66
N GLY E 92 -33.07 -24.64 23.67
CA GLY E 92 -34.50 -24.70 23.91
C GLY E 92 -34.99 -25.99 24.55
N LEU E 93 -34.38 -27.13 24.18
CA LEU E 93 -34.98 -28.43 24.46
C LEU E 93 -35.26 -28.70 25.94
N PRO E 94 -34.37 -28.35 26.87
CA PRO E 94 -34.56 -28.79 28.26
C PRO E 94 -35.91 -28.38 28.84
N PHE E 95 -36.41 -27.18 28.51
CA PHE E 95 -37.68 -26.74 29.07
C PHE E 95 -38.82 -27.66 28.63
N LEU E 96 -38.87 -27.98 27.34
CA LEU E 96 -39.89 -28.89 26.84
C LEU E 96 -39.69 -30.30 27.38
N ALA E 97 -38.45 -30.70 27.63
CA ALA E 97 -38.22 -31.98 28.29
C ALA E 97 -38.86 -32.01 29.67
N THR E 98 -38.71 -30.91 30.42
CA THR E 98 -39.30 -30.84 31.76
C THR E 98 -40.82 -30.91 31.70
N GLN E 99 -41.43 -30.43 30.61
CA GLN E 99 -42.87 -30.24 30.55
C GLN E 99 -43.62 -31.47 30.06
N ASN E 100 -42.93 -32.51 29.57
CA ASN E 100 -43.60 -33.73 29.12
C ASN E 100 -42.92 -35.00 29.62
N ALA E 101 -41.75 -34.87 30.26
CA ALA E 101 -41.00 -36.04 30.72
C ALA E 101 -41.64 -36.56 32.00
N ALA E 102 -42.84 -37.12 31.85
CA ALA E 102 -43.62 -37.65 32.97
C ALA E 102 -43.92 -36.58 34.01
N SER E 103 -43.96 -35.32 33.58
CA SER E 103 -44.26 -34.21 34.47
C SER E 103 -44.89 -33.10 33.65
N PHE E 104 -45.58 -32.20 34.34
CA PHE E 104 -46.31 -31.12 33.68
C PHE E 104 -45.84 -29.77 34.21
N TRP E 105 -46.22 -28.71 33.50
CA TRP E 105 -45.64 -27.39 33.62
C TRP E 105 -45.54 -26.87 35.06
N PRO E 106 -44.32 -26.71 35.59
CA PRO E 106 -44.16 -25.83 36.76
C PRO E 106 -44.02 -24.39 36.34
N PHE E 107 -43.71 -23.49 37.28
CA PHE E 107 -43.59 -22.06 36.99
C PHE E 107 -44.97 -21.48 36.67
N GLY E 108 -45.03 -20.16 36.48
CA GLY E 108 -46.27 -19.49 36.21
C GLY E 108 -46.27 -18.74 34.88
N PRO E 109 -47.29 -17.92 34.66
CA PRO E 109 -47.40 -17.19 33.38
C PRO E 109 -46.23 -16.26 33.10
N VAL E 110 -45.44 -15.88 34.10
CA VAL E 110 -44.36 -14.93 33.88
C VAL E 110 -43.35 -15.49 32.88
N LEU E 111 -43.09 -16.79 32.95
CA LEU E 111 -42.06 -17.40 32.11
C LEU E 111 -42.63 -18.02 30.85
N CYS E 112 -43.91 -18.38 30.84
CA CYS E 112 -44.50 -19.00 29.65
C CYS E 112 -44.48 -18.05 28.46
N ARG E 113 -44.87 -16.80 28.65
CA ARG E 113 -44.87 -15.81 27.58
C ARG E 113 -43.53 -15.12 27.41
N LEU E 114 -42.47 -15.66 28.01
CA LEU E 114 -41.09 -15.24 27.78
C LEU E 114 -40.27 -16.29 27.05
N VAL E 115 -40.47 -17.58 27.39
CA VAL E 115 -39.74 -18.65 26.73
C VAL E 115 -40.17 -18.78 25.27
N MET E 116 -41.48 -18.73 25.02
CA MET E 116 -42.01 -19.03 23.69
C MET E 116 -41.56 -17.99 22.67
N THR E 117 -41.54 -16.71 23.05
CA THR E 117 -41.15 -15.67 22.11
C THR E 117 -39.72 -15.88 21.61
N LEU E 118 -38.77 -16.11 22.52
CA LEU E 118 -37.40 -16.34 22.11
C LEU E 118 -37.25 -17.64 21.35
N ASP E 119 -37.96 -18.70 21.78
CA ASP E 119 -37.90 -19.96 21.04
C ASP E 119 -38.35 -19.76 19.59
N GLY E 120 -39.43 -19.03 19.38
CA GLY E 120 -39.90 -18.76 18.03
C GLY E 120 -38.96 -17.88 17.24
N VAL E 121 -38.42 -16.84 17.87
CA VAL E 121 -37.59 -15.87 17.14
C VAL E 121 -36.27 -16.51 16.70
N ASN E 122 -35.74 -17.41 17.52
CA ASN E 122 -34.39 -17.91 17.26
C ASN E 122 -34.29 -18.66 15.94
N GLN E 123 -35.29 -19.48 15.61
CA GLN E 123 -35.12 -20.50 14.58
C GLN E 123 -35.18 -19.89 13.17
N PHE E 124 -35.82 -18.73 13.01
CA PHE E 124 -36.12 -18.24 11.66
C PHE E 124 -34.91 -17.62 10.99
N THR E 125 -33.89 -17.23 11.77
CA THR E 125 -32.75 -16.52 11.20
C THR E 125 -31.95 -17.42 10.25
N SER E 126 -31.96 -18.72 10.51
CA SER E 126 -31.08 -19.65 9.80
C SER E 126 -31.37 -19.67 8.30
N VAL E 127 -32.66 -19.65 7.93
CA VAL E 127 -33.00 -19.76 6.51
C VAL E 127 -32.45 -18.58 5.74
N PHE E 128 -32.61 -17.36 6.26
CA PHE E 128 -32.10 -16.19 5.58
C PHE E 128 -30.57 -16.18 5.56
N CYS E 129 -29.95 -16.61 6.66
CA CYS E 129 -28.49 -16.67 6.72
C CYS E 129 -27.96 -17.61 5.64
N LEU E 130 -28.60 -18.77 5.47
CA LEU E 130 -28.20 -19.69 4.41
C LEU E 130 -28.48 -19.10 3.04
N THR E 131 -29.61 -18.41 2.88
CA THR E 131 -30.01 -17.91 1.57
C THR E 131 -29.02 -16.88 1.04
N VAL E 132 -28.55 -15.97 1.90
CA VAL E 132 -27.72 -14.86 1.42
C VAL E 132 -26.45 -15.38 0.77
N MET E 133 -25.84 -16.41 1.35
CA MET E 133 -24.53 -16.87 0.90
C MET E 133 -24.59 -17.37 -0.55
N SER E 134 -25.72 -17.94 -0.95
CA SER E 134 -25.84 -18.44 -2.31
C SER E 134 -25.66 -17.32 -3.32
N VAL E 135 -26.39 -16.21 -3.13
CA VAL E 135 -26.26 -15.06 -4.02
C VAL E 135 -24.85 -14.49 -3.94
N ASP E 136 -24.31 -14.41 -2.71
CA ASP E 136 -22.95 -13.89 -2.56
C ASP E 136 -21.97 -14.67 -3.43
N ARG E 137 -22.00 -16.00 -3.32
CA ARG E 137 -21.04 -16.80 -4.08
C ARG E 137 -21.34 -16.75 -5.57
N TYR E 138 -22.61 -16.69 -5.96
CA TYR E 138 -22.94 -16.57 -7.38
C TYR E 138 -22.32 -15.32 -7.98
N LEU E 139 -22.47 -14.18 -7.29
CA LEU E 139 -21.84 -12.96 -7.76
C LEU E 139 -20.32 -13.04 -7.69
N ALA E 140 -19.79 -13.83 -6.74
CA ALA E 140 -18.35 -13.98 -6.62
C ALA E 140 -17.71 -14.71 -7.80
N VAL E 141 -18.48 -15.43 -8.62
CA VAL E 141 -17.91 -16.25 -9.67
C VAL E 141 -18.46 -15.94 -11.05
N VAL E 142 -19.68 -15.44 -11.20
CA VAL E 142 -20.27 -15.22 -12.51
C VAL E 142 -19.99 -13.83 -13.06
N HIS E 143 -19.94 -12.80 -12.21
CA HIS E 143 -19.71 -11.42 -12.65
C HIS E 143 -18.61 -10.82 -11.80
N PRO E 144 -17.34 -11.11 -12.11
CA PRO E 144 -16.25 -10.61 -11.27
C PRO E 144 -16.11 -9.09 -11.30
N LEU E 145 -15.92 -8.51 -12.49
CA LEU E 145 -15.61 -7.08 -12.57
C LEU E 145 -16.83 -6.22 -12.32
N SER E 146 -17.99 -6.61 -12.85
CA SER E 146 -19.19 -5.78 -12.77
C SER E 146 -19.72 -5.60 -11.36
N SER E 147 -19.32 -6.45 -10.42
CA SER E 147 -19.83 -6.40 -9.05
C SER E 147 -18.76 -5.94 -8.06
N ALA E 148 -17.76 -5.18 -8.52
CA ALA E 148 -16.71 -4.71 -7.62
C ALA E 148 -17.26 -3.74 -6.58
N ARG E 149 -18.23 -2.91 -6.98
CA ARG E 149 -18.75 -1.90 -6.06
C ARG E 149 -19.40 -2.54 -4.84
N TRP E 150 -20.15 -3.62 -5.04
CA TRP E 150 -20.98 -4.19 -3.99
C TRP E 150 -20.25 -5.19 -3.11
N ARG E 151 -18.94 -5.39 -3.35
CA ARG E 151 -18.13 -6.29 -2.54
C ARG E 151 -17.37 -5.56 -1.44
N ARG E 152 -17.62 -4.28 -1.24
CA ARG E 152 -16.92 -3.54 -0.20
C ARG E 152 -17.36 -4.04 1.17
N PRO E 153 -16.48 -3.99 2.18
CA PRO E 153 -16.84 -4.53 3.50
C PRO E 153 -18.06 -3.88 4.12
N ARG E 154 -18.34 -2.61 3.84
CA ARG E 154 -19.43 -1.90 4.51
C ARG E 154 -20.77 -2.57 4.25
N VAL E 155 -20.92 -3.23 3.10
CA VAL E 155 -22.24 -3.71 2.69
C VAL E 155 -22.71 -4.85 3.59
N ALA E 156 -21.80 -5.72 4.00
CA ALA E 156 -22.19 -6.92 4.75
C ALA E 156 -22.84 -6.56 6.08
N LYS E 157 -22.32 -5.53 6.75
CA LYS E 157 -22.87 -5.14 8.05
C LYS E 157 -24.33 -4.75 7.93
N LEU E 158 -24.66 -3.95 6.92
CA LEU E 158 -26.05 -3.54 6.72
C LEU E 158 -26.93 -4.75 6.44
N ALA E 159 -26.46 -5.69 5.62
CA ALA E 159 -27.24 -6.86 5.30
C ALA E 159 -27.54 -7.68 6.54
N SER E 160 -26.52 -7.91 7.38
CA SER E 160 -26.73 -8.68 8.60
C SER E 160 -27.70 -7.97 9.54
N ALA E 161 -27.52 -6.66 9.72
CA ALA E 161 -28.39 -5.92 10.62
C ALA E 161 -29.84 -5.95 10.13
N ALA E 162 -30.04 -5.81 8.81
CA ALA E 162 -31.38 -5.87 8.26
C ALA E 162 -32.00 -7.25 8.44
N ALA E 163 -31.20 -8.31 8.22
CA ALA E 163 -31.72 -9.65 8.37
C ALA E 163 -32.13 -9.93 9.82
N TRP E 164 -31.41 -9.36 10.78
CA TRP E 164 -31.68 -9.65 12.18
C TRP E 164 -33.02 -9.09 12.69
N VAL E 165 -33.73 -8.29 11.90
CA VAL E 165 -34.90 -7.57 12.41
C VAL E 165 -36.21 -8.27 12.02
N LEU E 166 -36.30 -8.84 10.82
CA LEU E 166 -37.58 -9.33 10.34
C LEU E 166 -38.09 -10.48 11.19
N SER E 167 -37.18 -11.26 11.79
CA SER E 167 -37.62 -12.37 12.63
C SER E 167 -38.42 -11.86 13.83
N LEU E 168 -37.96 -10.80 14.48
CA LEU E 168 -38.76 -10.16 15.52
C LEU E 168 -40.00 -9.52 14.93
N CYS E 169 -39.88 -8.94 13.74
CA CYS E 169 -41.02 -8.26 13.13
C CYS E 169 -42.17 -9.22 12.87
N MET E 170 -41.89 -10.50 12.66
CA MET E 170 -42.93 -11.44 12.23
C MET E 170 -43.49 -12.27 13.37
N SER E 171 -42.75 -12.42 14.47
CA SER E 171 -43.17 -13.30 15.56
C SER E 171 -44.06 -12.63 16.60
N LEU E 172 -44.34 -11.33 16.44
CA LEU E 172 -45.14 -10.63 17.44
C LEU E 172 -46.52 -11.23 17.67
N PRO E 173 -47.29 -11.63 16.64
CA PRO E 173 -48.65 -12.14 16.89
C PRO E 173 -48.73 -13.18 18.00
N LEU E 174 -47.64 -13.89 18.25
CA LEU E 174 -47.61 -14.96 19.24
C LEU E 174 -47.80 -14.45 20.67
N LEU E 175 -47.68 -13.15 20.90
CA LEU E 175 -47.83 -12.60 22.26
C LEU E 175 -48.90 -11.53 22.33
N VAL E 176 -49.05 -10.74 21.26
CA VAL E 176 -49.93 -9.57 21.32
C VAL E 176 -51.38 -9.97 21.05
N PHE E 177 -51.62 -10.72 19.98
CA PHE E 177 -53.00 -11.09 19.65
C PHE E 177 -53.58 -12.03 20.69
N ALA E 178 -52.86 -13.10 21.02
CA ALA E 178 -53.29 -14.06 22.03
C ALA E 178 -52.13 -14.32 22.99
N ASP E 179 -52.40 -14.13 24.28
CA ASP E 179 -51.39 -14.38 25.30
C ASP E 179 -51.18 -15.88 25.46
N VAL E 180 -50.06 -16.24 26.09
CA VAL E 180 -49.75 -17.63 26.39
C VAL E 180 -50.46 -17.99 27.69
N GLN E 181 -51.72 -18.40 27.58
CA GLN E 181 -52.53 -18.69 28.75
C GLN E 181 -52.08 -20.02 29.37
N GLU E 182 -51.62 -19.97 30.63
CA GLU E 182 -50.98 -21.12 31.24
C GLU E 182 -51.95 -22.26 31.50
N GLY E 183 -53.26 -22.02 31.36
CA GLY E 183 -54.23 -23.06 31.60
C GLY E 183 -54.00 -24.30 30.76
N GLY E 184 -53.63 -24.11 29.49
CA GLY E 184 -53.35 -25.22 28.61
C GLY E 184 -51.93 -25.74 28.73
N THR E 185 -51.45 -25.87 29.96
CA THR E 185 -50.10 -26.37 30.24
C THR E 185 -49.06 -25.60 29.44
N CYS E 186 -49.14 -24.27 29.54
CA CYS E 186 -48.21 -23.32 28.92
C CYS E 186 -48.37 -23.22 27.42
N ASN E 187 -49.40 -23.84 26.84
CA ASN E 187 -49.64 -23.75 25.41
C ASN E 187 -50.46 -22.48 25.12
N ALA E 188 -50.76 -22.25 23.86
CA ALA E 188 -51.49 -21.05 23.45
C ALA E 188 -52.95 -21.36 23.16
N SER E 189 -53.81 -20.46 23.62
CA SER E 189 -55.25 -20.56 23.36
C SER E 189 -55.73 -19.18 22.92
N TRP E 190 -56.44 -19.14 21.79
CA TRP E 190 -56.78 -17.88 21.15
C TRP E 190 -57.83 -17.11 21.94
N PRO E 191 -57.79 -15.78 21.80
CA PRO E 191 -58.74 -14.91 22.47
C PRO E 191 -60.03 -14.71 21.69
N GLU E 192 -60.07 -15.15 20.43
CA GLU E 192 -61.27 -15.01 19.59
C GLU E 192 -61.65 -16.38 19.03
N PRO E 193 -62.78 -16.50 18.33
CA PRO E 193 -63.16 -17.79 17.74
C PRO E 193 -62.00 -18.47 17.03
N VAL E 194 -61.66 -19.68 17.47
CA VAL E 194 -60.47 -20.36 16.97
C VAL E 194 -60.62 -20.75 15.50
N GLY E 195 -61.86 -20.99 15.05
CA GLY E 195 -62.06 -21.61 13.74
C GLY E 195 -61.41 -20.84 12.61
N LEU E 196 -61.49 -19.51 12.63
CA LEU E 196 -60.96 -18.70 11.55
C LEU E 196 -59.46 -18.44 11.70
N TRP E 197 -59.02 -18.04 12.90
CA TRP E 197 -57.63 -17.63 13.08
C TRP E 197 -56.66 -18.80 13.11
N GLY E 198 -57.11 -19.97 13.58
CA GLY E 198 -56.22 -21.12 13.60
C GLY E 198 -55.72 -21.50 12.23
N ALA E 199 -56.59 -21.46 11.22
CA ALA E 199 -56.18 -21.73 9.85
C ALA E 199 -55.34 -20.58 9.29
N VAL E 200 -55.64 -19.34 9.68
CA VAL E 200 -54.87 -18.21 9.19
C VAL E 200 -53.41 -18.32 9.63
N PHE E 201 -53.18 -18.70 10.88
CA PHE E 201 -51.81 -18.71 11.40
C PHE E 201 -50.93 -19.68 10.63
N ILE E 202 -51.38 -20.92 10.48
CA ILE E 202 -50.50 -21.98 9.96
C ILE E 202 -50.12 -21.69 8.52
N ILE E 203 -51.09 -21.31 7.69
CA ILE E 203 -50.81 -21.12 6.27
C ILE E 203 -49.83 -19.96 6.07
N TYR E 204 -50.07 -18.84 6.75
CA TYR E 204 -49.23 -17.67 6.53
C TYR E 204 -47.84 -17.88 7.08
N THR E 205 -47.70 -18.68 8.15
CA THR E 205 -46.37 -19.03 8.61
C THR E 205 -45.67 -19.94 7.60
N ALA E 206 -46.38 -20.97 7.13
CA ALA E 206 -45.77 -22.01 6.31
C ALA E 206 -45.31 -21.45 4.96
N VAL E 207 -46.10 -20.56 4.35
CA VAL E 207 -45.74 -20.06 3.02
C VAL E 207 -44.35 -19.43 3.06
N LEU E 208 -44.09 -18.59 4.06
CA LEU E 208 -42.80 -17.89 4.11
C LEU E 208 -41.71 -18.77 4.71
N GLY E 209 -42.10 -19.72 5.57
CA GLY E 209 -41.09 -20.51 6.26
C GLY E 209 -40.25 -21.42 5.39
N PHE E 210 -40.83 -22.03 4.37
CA PHE E 210 -40.18 -23.16 3.69
C PHE E 210 -39.93 -22.92 2.21
N PHE E 211 -40.94 -22.45 1.48
CA PHE E 211 -40.96 -22.62 0.03
C PHE E 211 -39.97 -21.70 -0.67
N ALA E 212 -40.11 -20.39 -0.48
CA ALA E 212 -39.38 -19.43 -1.31
C ALA E 212 -37.87 -19.65 -1.31
N PRO E 213 -37.21 -19.80 -0.15
CA PRO E 213 -35.74 -20.02 -0.18
C PRO E 213 -35.35 -21.25 -0.98
N LEU E 214 -36.17 -22.31 -0.92
CA LEU E 214 -35.88 -23.51 -1.70
C LEU E 214 -35.86 -23.20 -3.18
N LEU E 215 -36.81 -22.38 -3.65
CA LEU E 215 -36.80 -21.94 -5.03
C LEU E 215 -35.58 -21.09 -5.34
N VAL E 216 -35.20 -20.21 -4.40
CA VAL E 216 -34.10 -19.28 -4.66
C VAL E 216 -32.79 -20.03 -4.86
N ILE E 217 -32.52 -21.00 -3.99
CA ILE E 217 -31.20 -21.65 -3.95
C ILE E 217 -30.86 -22.41 -5.23
N CYS E 218 -31.85 -23.11 -5.79
CA CYS E 218 -31.57 -24.11 -6.83
C CYS E 218 -30.98 -23.47 -8.08
N LEU E 219 -31.58 -22.38 -8.57
CA LEU E 219 -31.08 -21.78 -9.80
C LEU E 219 -29.65 -21.28 -9.63
N CYS E 220 -29.37 -20.62 -8.50
CA CYS E 220 -28.03 -20.12 -8.25
C CYS E 220 -27.02 -21.26 -8.22
N TYR E 221 -27.38 -22.38 -7.58
CA TYR E 221 -26.44 -23.49 -7.52
C TYR E 221 -26.31 -24.18 -8.89
N LEU E 222 -27.32 -24.03 -9.75
CA LEU E 222 -27.28 -24.67 -11.06
C LEU E 222 -26.41 -23.89 -12.04
N LEU E 223 -26.43 -22.55 -11.94
CA LEU E 223 -25.76 -21.75 -12.95
C LEU E 223 -24.25 -21.99 -12.97
N ILE E 224 -23.63 -22.17 -11.81
CA ILE E 224 -22.18 -22.36 -11.77
C ILE E 224 -21.79 -23.65 -12.48
N VAL E 225 -22.52 -24.73 -12.18
CA VAL E 225 -22.23 -26.01 -12.82
C VAL E 225 -22.50 -25.93 -14.32
N VAL E 226 -23.52 -25.17 -14.71
CA VAL E 226 -23.77 -24.95 -16.14
C VAL E 226 -22.56 -24.27 -16.78
N LYS E 227 -22.00 -23.26 -16.09
CA LYS E 227 -20.91 -22.49 -16.66
C LYS E 227 -19.63 -23.31 -16.79
N VAL E 228 -19.36 -24.18 -15.81
CA VAL E 228 -18.03 -24.78 -15.71
C VAL E 228 -17.66 -25.54 -16.99
N ARG E 229 -18.61 -26.29 -17.55
CA ARG E 229 -18.27 -27.26 -18.58
C ARG E 229 -17.74 -26.60 -19.85
N ALA E 230 -18.32 -25.47 -20.24
CA ALA E 230 -17.88 -24.80 -21.46
C ALA E 230 -16.41 -24.39 -21.36
N ALA E 231 -16.01 -23.82 -20.22
CA ALA E 231 -14.62 -23.46 -20.02
C ALA E 231 -13.75 -24.71 -19.97
N GLY E 232 -14.25 -25.77 -19.33
CA GLY E 232 -13.44 -26.97 -19.18
C GLY E 232 -13.12 -27.65 -20.50
N VAL E 233 -14.09 -27.67 -21.42
CA VAL E 233 -13.97 -28.51 -22.61
C VAL E 233 -12.82 -28.04 -23.51
N ARG E 234 -12.75 -26.74 -23.78
CA ARG E 234 -11.91 -26.27 -24.88
C ARG E 234 -10.44 -26.61 -24.67
N VAL E 235 -9.93 -26.42 -23.46
CA VAL E 235 -8.52 -26.69 -23.18
C VAL E 235 -8.20 -28.15 -23.50
N ARG E 240 -11.67 -33.65 -16.17
CA ARG E 240 -10.54 -34.51 -15.81
C ARG E 240 -10.62 -34.88 -14.34
N ARG E 241 -10.69 -33.88 -13.46
CA ARG E 241 -10.66 -34.11 -12.02
C ARG E 241 -11.64 -33.26 -11.21
N SER E 242 -12.11 -32.13 -11.74
CA SER E 242 -12.78 -31.14 -10.89
C SER E 242 -14.30 -31.29 -10.93
N GLU E 243 -14.87 -31.45 -12.12
CA GLU E 243 -16.32 -31.43 -12.25
C GLU E 243 -16.97 -32.51 -11.38
N ARG E 244 -16.34 -33.67 -11.26
CA ARG E 244 -16.83 -34.70 -10.37
C ARG E 244 -16.98 -34.16 -8.95
N LYS E 245 -15.93 -33.51 -8.45
CA LYS E 245 -15.94 -32.97 -7.10
C LYS E 245 -17.02 -31.92 -6.93
N VAL E 246 -17.16 -31.02 -7.90
CA VAL E 246 -18.18 -29.98 -7.81
C VAL E 246 -19.58 -30.59 -7.72
N THR E 247 -19.86 -31.55 -8.61
CA THR E 247 -21.18 -32.19 -8.59
C THR E 247 -21.42 -32.89 -7.26
N ARG E 248 -20.40 -33.61 -6.76
CA ARG E 248 -20.54 -34.30 -5.49
C ARG E 248 -20.90 -33.33 -4.37
N MET E 249 -20.15 -32.23 -4.27
CA MET E 249 -20.38 -31.26 -3.20
C MET E 249 -21.79 -30.69 -3.28
N VAL E 250 -22.20 -30.24 -4.48
CA VAL E 250 -23.51 -29.60 -4.61
C VAL E 250 -24.62 -30.57 -4.28
N LEU E 251 -24.51 -31.81 -4.79
CA LEU E 251 -25.54 -32.81 -4.52
C LEU E 251 -25.65 -33.07 -3.03
N VAL E 252 -24.52 -33.25 -2.36
CA VAL E 252 -24.56 -33.52 -0.92
C VAL E 252 -25.26 -32.38 -0.19
N LEU E 253 -24.93 -31.09 -0.44
CA LEU E 253 -25.53 -29.94 0.32
C LEU E 253 -26.95 -29.69 -0.01
N VAL E 254 -27.41 -30.05 -1.21
CA VAL E 254 -28.85 -29.94 -1.47
C VAL E 254 -29.60 -31.07 -0.78
N LEU E 255 -29.08 -32.29 -0.87
CA LEU E 255 -29.78 -33.43 -0.28
C LEU E 255 -29.92 -33.26 1.23
N VAL E 256 -28.83 -32.88 1.90
CA VAL E 256 -28.92 -32.71 3.35
C VAL E 256 -29.92 -31.62 3.69
N PHE E 257 -29.85 -30.48 2.97
CA PHE E 257 -30.72 -29.36 3.31
C PHE E 257 -32.20 -29.75 3.20
N ALA E 258 -32.56 -30.43 2.10
CA ALA E 258 -33.97 -30.77 1.90
C ALA E 258 -34.44 -31.85 2.88
N GLY E 259 -33.62 -32.87 3.06
CA GLY E 259 -34.00 -33.98 3.92
C GLY E 259 -34.14 -33.59 5.38
N CYS E 260 -33.30 -32.66 5.84
CA CYS E 260 -33.34 -32.27 7.25
C CYS E 260 -34.61 -31.55 7.65
N TRP E 261 -35.45 -31.13 6.70
CA TRP E 261 -36.59 -30.29 7.03
C TRP E 261 -37.91 -30.66 6.36
N LEU E 262 -37.93 -31.56 5.37
CA LEU E 262 -39.18 -31.78 4.64
C LEU E 262 -40.38 -32.09 5.54
N PRO E 263 -40.33 -33.07 6.46
CA PRO E 263 -41.58 -33.67 7.00
C PRO E 263 -42.57 -32.77 7.74
N PHE E 264 -42.09 -31.81 8.52
CA PHE E 264 -42.91 -31.20 9.56
C PHE E 264 -44.12 -30.48 8.99
N PHE E 265 -43.92 -29.68 7.94
CA PHE E 265 -45.02 -28.91 7.38
C PHE E 265 -46.07 -29.82 6.77
N THR E 266 -45.65 -30.90 6.11
CA THR E 266 -46.61 -31.87 5.61
C THR E 266 -47.44 -32.45 6.75
N VAL E 267 -46.79 -32.81 7.85
CA VAL E 267 -47.52 -33.37 8.98
C VAL E 267 -48.56 -32.37 9.48
N ASN E 268 -48.14 -31.12 9.65
CA ASN E 268 -49.05 -30.11 10.19
C ASN E 268 -50.22 -29.85 9.24
N ILE E 269 -49.95 -29.80 7.94
CA ILE E 269 -51.01 -29.55 6.97
C ILE E 269 -52.01 -30.70 6.98
N VAL E 270 -51.51 -31.93 7.02
CA VAL E 270 -52.41 -33.09 7.04
C VAL E 270 -53.26 -33.07 8.30
N ASN E 271 -52.66 -32.72 9.44
CA ASN E 271 -53.42 -32.61 10.67
C ASN E 271 -54.51 -31.55 10.55
N LEU E 272 -54.17 -30.40 9.97
CA LEU E 272 -55.16 -29.32 9.83
C LEU E 272 -56.31 -29.75 8.93
N ALA E 273 -56.01 -30.49 7.86
CA ALA E 273 -57.04 -30.89 6.92
C ALA E 273 -58.12 -31.73 7.60
N VAL E 274 -57.72 -32.72 8.39
CA VAL E 274 -58.65 -33.65 9.03
C VAL E 274 -58.23 -33.89 10.47
N ALA E 275 -59.21 -34.02 11.35
CA ALA E 275 -58.94 -34.32 12.74
C ALA E 275 -58.43 -35.75 12.89
N LEU E 276 -57.61 -35.97 13.94
CA LEU E 276 -57.03 -37.27 14.22
C LEU E 276 -57.66 -37.89 15.46
N PRO E 277 -57.67 -39.22 15.56
CA PRO E 277 -58.28 -39.86 16.73
C PRO E 277 -57.37 -39.81 17.96
N GLN E 278 -57.94 -40.23 19.08
CA GLN E 278 -57.21 -40.29 20.34
C GLN E 278 -56.68 -41.71 20.53
N GLU E 279 -55.35 -41.83 20.62
CA GLU E 279 -54.72 -43.13 20.77
C GLU E 279 -53.25 -42.93 21.09
N PRO E 280 -52.60 -43.84 21.83
CA PRO E 280 -51.20 -43.59 22.23
C PRO E 280 -50.23 -43.44 21.07
N ALA E 281 -50.55 -43.97 19.88
CA ALA E 281 -49.63 -43.84 18.76
C ALA E 281 -49.56 -42.40 18.26
N SER E 282 -50.61 -41.62 18.49
CA SER E 282 -50.63 -40.25 18.00
C SER E 282 -49.54 -39.41 18.65
N ALA E 283 -49.36 -39.57 19.97
CA ALA E 283 -48.29 -38.83 20.66
C ALA E 283 -46.92 -39.28 20.18
N GLY E 284 -46.75 -40.59 19.98
CA GLY E 284 -45.48 -41.09 19.47
C GLY E 284 -45.15 -40.52 18.10
N LEU E 285 -46.16 -40.40 17.23
CA LEU E 285 -45.94 -39.79 15.93
C LEU E 285 -45.42 -38.37 16.05
N TYR E 286 -46.06 -37.56 16.91
CA TYR E 286 -45.62 -36.19 17.10
C TYR E 286 -44.21 -36.14 17.66
N PHE E 287 -43.91 -37.00 18.64
CA PHE E 287 -42.58 -37.00 19.24
C PHE E 287 -41.49 -37.25 18.20
N PHE E 288 -41.70 -38.26 17.36
CA PHE E 288 -40.74 -38.55 16.29
C PHE E 288 -40.64 -37.41 15.30
N VAL E 289 -41.79 -36.82 14.95
CA VAL E 289 -41.78 -35.70 13.99
C VAL E 289 -41.04 -34.50 14.56
N VAL E 290 -41.03 -34.33 15.88
CA VAL E 290 -40.42 -33.15 16.47
C VAL E 290 -38.93 -33.37 16.72
N ILE E 291 -38.54 -34.58 17.11
CA ILE E 291 -37.14 -34.80 17.50
C ILE E 291 -36.19 -34.55 16.33
N LEU E 292 -36.66 -34.74 15.10
CA LEU E 292 -35.76 -34.72 13.96
C LEU E 292 -35.18 -33.33 13.69
N SER E 293 -35.96 -32.29 13.97
CA SER E 293 -35.62 -30.94 13.51
C SER E 293 -34.30 -30.42 14.04
N TYR E 294 -33.78 -30.98 15.15
CA TYR E 294 -32.61 -30.40 15.79
C TYR E 294 -31.29 -30.89 15.20
N ALA E 295 -31.31 -31.84 14.26
CA ALA E 295 -30.06 -32.33 13.70
C ALA E 295 -29.46 -31.35 12.69
N ASN E 296 -30.26 -30.41 12.18
CA ASN E 296 -29.75 -29.43 11.23
C ASN E 296 -28.70 -28.54 11.86
N SER E 297 -28.93 -28.12 13.10
CA SER E 297 -28.00 -27.26 13.83
C SER E 297 -26.68 -27.95 14.15
N CYS E 298 -26.66 -29.29 14.17
CA CYS E 298 -25.42 -30.03 14.37
C CYS E 298 -24.76 -30.41 13.05
N ALA E 299 -25.53 -30.53 11.97
CA ALA E 299 -24.93 -30.78 10.65
C ALA E 299 -24.31 -29.51 10.08
N ASN E 300 -24.93 -28.35 10.33
CA ASN E 300 -24.45 -27.11 9.72
C ASN E 300 -23.02 -26.76 10.09
N PRO E 301 -22.62 -26.75 11.36
CA PRO E 301 -21.31 -26.18 11.71
C PRO E 301 -20.12 -26.87 11.05
N VAL E 302 -20.19 -28.19 10.85
CA VAL E 302 -19.02 -28.93 10.39
C VAL E 302 -18.79 -28.72 8.90
N LEU E 303 -19.86 -28.82 8.10
CA LEU E 303 -19.70 -28.81 6.65
C LEU E 303 -19.04 -27.52 6.18
N TYR E 304 -19.67 -26.38 6.43
CA TYR E 304 -19.12 -25.10 5.97
C TYR E 304 -17.79 -24.81 6.64
N GLY E 305 -17.60 -25.31 7.86
CA GLY E 305 -16.44 -24.91 8.64
C GLY E 305 -15.17 -25.65 8.27
N PHE E 306 -15.16 -26.97 8.46
CA PHE E 306 -13.92 -27.73 8.45
C PHE E 306 -13.59 -28.36 7.09
N LEU E 307 -14.44 -28.21 6.08
CA LEU E 307 -14.16 -28.81 4.78
C LEU E 307 -13.47 -27.87 3.82
N SER E 308 -13.18 -26.63 4.23
CA SER E 308 -12.51 -25.68 3.36
C SER E 308 -11.01 -25.76 3.54
N ASP E 309 -10.27 -25.52 2.44
CA ASP E 309 -8.82 -25.64 2.49
C ASP E 309 -8.18 -24.50 3.26
N ASN E 310 -8.64 -23.26 3.02
CA ASN E 310 -8.03 -22.11 3.67
C ASN E 310 -8.26 -22.13 5.17
N PHE E 311 -9.47 -22.49 5.61
CA PHE E 311 -9.73 -22.61 7.04
C PHE E 311 -8.86 -23.69 7.67
N ARG E 312 -8.72 -24.82 6.99
CA ARG E 312 -7.86 -25.89 7.50
C ARG E 312 -6.42 -25.40 7.64
N GLN E 313 -5.91 -24.71 6.62
CA GLN E 313 -4.54 -24.23 6.67
C GLN E 313 -4.34 -23.22 7.79
N SER E 314 -5.29 -22.29 7.96
CA SER E 314 -5.20 -21.31 9.02
C SER E 314 -5.48 -21.90 10.40
N PHE E 315 -6.02 -23.12 10.47
CA PHE E 315 -6.34 -23.74 11.74
C PHE E 315 -5.11 -24.07 12.57
N GLN E 316 -3.94 -24.21 11.94
CA GLN E 316 -2.72 -24.52 12.67
C GLN E 316 -2.37 -23.38 13.62
N DPN F 1 -57.15 -31.67 19.36
CA DPN F 1 -56.06 -32.64 19.41
C DPN F 1 -54.77 -31.95 19.81
O DPN F 1 -54.28 -32.15 20.93
CB DPN F 1 -56.39 -33.76 20.40
CG DPN F 1 -55.36 -34.86 20.44
CD1 DPN F 1 -54.81 -35.36 19.27
CD2 DPN F 1 -54.95 -35.39 21.65
CE1 DPN F 1 -53.86 -36.36 19.31
CE2 DPN F 1 -54.00 -36.40 21.69
CZ DPN F 1 -53.46 -36.88 20.52
H1 DPN F 1 -56.78 -30.79 19.21
H2 DPN F 1 -57.63 -31.69 20.19
HA DPN F 1 -55.94 -33.02 18.53
HB2 DPN F 1 -57.24 -34.16 20.15
HB3 DPN F 1 -56.44 -33.38 21.28
HD1 DPN F 1 -55.08 -35.01 18.45
HD2 DPN F 1 -55.30 -35.06 22.44
HE1 DPN F 1 -53.50 -36.69 18.52
HE2 DPN F 1 -53.72 -36.75 22.51
HZ DPN F 1 -52.82 -37.56 20.55
N CYS F 2 -54.21 -31.14 18.92
CA CYS F 2 -52.98 -30.43 19.22
C CYS F 2 -52.73 -29.27 18.26
N PHE F 3 -51.86 -28.35 18.68
CA PHE F 3 -51.56 -27.15 17.89
C PHE F 3 -50.16 -26.64 18.24
N DTR F 4 -49.27 -26.61 17.26
CA DTR F 4 -47.91 -26.11 17.46
CB DTR F 4 -47.50 -25.21 16.30
CG DTR F 4 -46.19 -24.48 16.52
CD1 DTR F 4 -45.48 -24.41 17.68
NE1 DTR F 4 -44.35 -23.66 17.50
CE2 DTR F 4 -44.31 -23.23 16.20
CZ2 DTR F 4 -43.37 -22.44 15.55
CH2 DTR F 4 -43.59 -22.16 14.22
CZ3 DTR F 4 -44.72 -22.64 13.56
CE3 DTR F 4 -45.66 -23.42 14.20
CD2 DTR F 4 -45.46 -23.72 15.55
C DTR F 4 -46.93 -27.27 17.61
O DTR F 4 -47.34 -28.42 17.73
HA DTR F 4 -47.89 -25.58 18.27
HB2 DTR F 4 -47.40 -25.76 15.50
HB3 DTR F 4 -48.19 -24.54 16.15
HD1 DTR F 4 -45.73 -24.82 18.48
HZ2 DTR F 4 -42.61 -22.12 15.98
HH2 DTR F 4 -42.96 -21.64 13.77
HZ3 DTR F 4 -44.84 -22.43 12.66
HE3 DTR F 4 -46.40 -23.74 13.75
N LYS F 5 -46.13 -27.21 18.68
CA LYS F 5 -45.04 -28.16 18.87
C LYS F 5 -45.03 -28.73 20.29
N THR F 6 -45.01 -30.05 20.39
CA THR F 6 -44.93 -30.77 21.66
C THR F 6 -46.12 -30.48 22.57
N CYS F 7 -47.20 -29.90 22.05
CA CYS F 7 -48.37 -29.67 22.88
C CYS F 7 -48.98 -30.98 23.36
N THR F 8 -49.07 -31.97 22.48
CA THR F 8 -49.64 -33.27 22.85
C THR F 8 -48.56 -34.16 23.46
#